data_2WL9
#
_entry.id   2WL9
#
_cell.length_a   102.562
_cell.length_b   102.562
_cell.length_c   142.132
_cell.angle_alpha   90.00
_cell.angle_beta   90.00
_cell.angle_gamma   90.00
#
_symmetry.space_group_name_H-M   'P 4'
#
loop_
_entity.id
_entity.type
_entity.pdbx_description
1 polymer 'CATECHOL 2,3-DIOXYGENASE'
2 non-polymer 'FE (III) ION'
3 non-polymer 'MAGNESIUM ION'
4 non-polymer GLYCEROL
5 non-polymer 3-METHYLCATECHOL
6 water water
#
_entity_poly.entity_id   1
_entity_poly.type   'polypeptide(L)'
_entity_poly.pdbx_seq_one_letter_code
;MAKVTELGYLGLSVSNLDAWRDYAAGIMGMQVVDDGEDDRIYLRMDRWHHRIVLHADGSDDLAYIGWRVAGPVELDELAE
QLKNAGIPFEVASDADAAERRVLGLVKLHDPGGNPTEIFYGPQVDTSSPFHPGRPMFGKFVTEGQGLGHIIIREDDVEEA
TRFYRLLGLEGAVEYKFALPNGAVGTPVFMHCNDRHHSLAFGVGPMDKRINHLMIEYTHLDDLGYAHDLVRQQKIDVTLQ
IGKHSNDEALTFYCANPSGWLWEPGWGSRPAPAQQEHYLRDIFGHDNEVEGYGLDIPLKGLDIPA
;
_entity_poly.pdbx_strand_id   A,B,C,D
#
loop_
_chem_comp.id
_chem_comp.type
_chem_comp.name
_chem_comp.formula
FE non-polymer 'FE (III) ION' 'Fe 3'
GOL non-polymer GLYCEROL 'C3 H8 O3'
MBD non-polymer 3-METHYLCATECHOL 'C7 H8 O2'
MG non-polymer 'MAGNESIUM ION' 'Mg 2'
#
# COMPACT_ATOMS: atom_id res chain seq x y z
N MET A 1 -2.79 -14.18 -32.65
CA MET A 1 -2.71 -15.64 -32.91
C MET A 1 -1.43 -16.24 -32.34
N ALA A 2 -0.29 -15.65 -32.70
CA ALA A 2 1.02 -16.06 -32.21
C ALA A 2 1.14 -15.82 -30.71
N LYS A 3 1.87 -16.70 -30.03
CA LYS A 3 2.02 -16.63 -28.57
C LYS A 3 3.50 -16.71 -28.18
N VAL A 4 3.83 -16.21 -27.00
CA VAL A 4 5.16 -16.50 -26.44
C VAL A 4 5.26 -18.00 -26.18
N THR A 5 6.46 -18.55 -26.37
CA THR A 5 6.66 -20.01 -26.34
C THR A 5 7.43 -20.49 -25.12
N GLU A 6 8.20 -19.60 -24.49
CA GLU A 6 8.96 -19.93 -23.28
C GLU A 6 9.54 -18.69 -22.61
N LEU A 7 9.87 -18.83 -21.33
CA LEU A 7 10.66 -17.84 -20.64
C LEU A 7 12.11 -18.10 -21.07
N GLY A 8 12.61 -17.26 -21.97
CA GLY A 8 13.88 -17.50 -22.64
C GLY A 8 15.11 -17.06 -21.87
N TYR A 9 15.11 -15.85 -21.33
CA TYR A 9 16.25 -15.38 -20.53
C TYR A 9 15.85 -14.41 -19.41
N LEU A 10 16.77 -14.22 -18.45
CA LEU A 10 16.60 -13.19 -17.42
C LEU A 10 17.83 -12.31 -17.36
N GLY A 11 17.60 -11.00 -17.16
CA GLY A 11 18.68 -10.06 -16.88
C GLY A 11 18.65 -9.71 -15.42
N LEU A 12 19.79 -9.82 -14.76
CA LEU A 12 19.90 -9.57 -13.33
C LEU A 12 20.90 -8.46 -13.07
N SER A 13 20.55 -7.58 -12.13
CA SER A 13 21.49 -6.61 -11.59
C SER A 13 22.07 -7.21 -10.33
N VAL A 14 23.39 -7.32 -10.26
CA VAL A 14 24.08 -7.94 -9.13
C VAL A 14 25.24 -7.08 -8.61
N SER A 15 25.55 -7.22 -7.32
CA SER A 15 26.60 -6.42 -6.67
CA SER A 15 26.60 -6.42 -6.67
C SER A 15 27.91 -7.18 -6.55
N ASN A 16 27.83 -8.51 -6.54
CA ASN A 16 29.01 -9.36 -6.38
C ASN A 16 29.07 -10.49 -7.41
N LEU A 17 29.79 -10.23 -8.51
CA LEU A 17 29.98 -11.20 -9.57
C LEU A 17 30.62 -12.49 -9.06
N ASP A 18 31.62 -12.36 -8.18
CA ASP A 18 32.36 -13.51 -7.65
C ASP A 18 31.49 -14.46 -6.81
N ALA A 19 30.63 -13.90 -5.96
CA ALA A 19 29.72 -14.73 -5.15
C ALA A 19 28.72 -15.47 -6.05
N TRP A 20 28.24 -14.77 -7.08
CA TRP A 20 27.32 -15.36 -8.05
C TRP A 20 27.94 -16.49 -8.85
N ARG A 21 29.24 -16.41 -9.10
CA ARG A 21 29.93 -17.50 -9.79
C ARG A 21 30.00 -18.73 -8.91
N ASP A 22 30.47 -18.54 -7.68
CA ASP A 22 30.57 -19.65 -6.73
C ASP A 22 29.22 -20.29 -6.45
N TYR A 23 28.16 -19.49 -6.46
CA TYR A 23 26.81 -19.97 -6.18
C TYR A 23 26.19 -20.66 -7.39
N ALA A 24 25.98 -19.90 -8.46
CA ALA A 24 25.30 -20.41 -9.66
C ALA A 24 26.04 -21.56 -10.33
N ALA A 25 27.38 -21.45 -10.38
CA ALA A 25 28.21 -22.48 -11.00
C ALA A 25 28.64 -23.54 -10.00
N GLY A 26 29.31 -23.11 -8.93
CA GLY A 26 29.91 -24.02 -7.96
C GLY A 26 28.91 -24.86 -7.18
N ILE A 27 27.73 -24.31 -6.93
CA ILE A 27 26.68 -25.05 -6.22
C ILE A 27 25.61 -25.58 -7.18
N MET A 28 25.00 -24.69 -7.97
CA MET A 28 23.85 -25.05 -8.82
C MET A 28 24.21 -25.80 -10.09
N GLY A 29 25.42 -25.59 -10.60
CA GLY A 29 25.90 -26.35 -11.77
C GLY A 29 25.79 -25.65 -13.10
N MET A 30 25.42 -24.38 -13.09
CA MET A 30 25.38 -23.59 -14.31
C MET A 30 26.79 -23.34 -14.82
N GLN A 31 26.89 -22.97 -16.09
CA GLN A 31 28.19 -22.66 -16.69
C GLN A 31 28.36 -21.15 -16.79
N VAL A 32 29.49 -20.67 -16.27
CA VAL A 32 29.87 -19.26 -16.40
C VAL A 32 30.46 -18.99 -17.78
N VAL A 33 29.86 -18.04 -18.50
CA VAL A 33 30.39 -17.57 -19.78
C VAL A 33 30.80 -16.11 -19.63
N ASP A 34 32.08 -15.83 -19.87
CA ASP A 34 32.63 -14.48 -19.85
C ASP A 34 33.22 -14.17 -21.22
N ASP A 35 32.59 -13.22 -21.93
CA ASP A 35 33.02 -12.86 -23.28
C ASP A 35 33.89 -11.60 -23.29
N GLY A 36 34.42 -11.24 -22.13
CA GLY A 36 35.32 -10.10 -22.03
C GLY A 36 34.65 -8.74 -21.95
N GLU A 37 33.32 -8.72 -21.95
CA GLU A 37 32.57 -7.48 -21.74
C GLU A 37 32.84 -6.98 -20.33
N ASP A 38 33.13 -5.69 -20.21
CA ASP A 38 33.60 -5.11 -18.96
C ASP A 38 32.57 -5.05 -17.82
N ASP A 39 31.29 -5.21 -18.16
CA ASP A 39 30.20 -4.92 -17.22
C ASP A 39 29.23 -6.08 -16.96
N ARG A 40 29.47 -7.22 -17.59
CA ARG A 40 28.56 -8.36 -17.49
C ARG A 40 29.26 -9.66 -17.81
N ILE A 41 28.72 -10.74 -17.24
CA ILE A 41 29.06 -12.12 -17.61
C ILE A 41 27.74 -12.87 -17.74
N TYR A 42 27.80 -14.14 -18.16
CA TYR A 42 26.58 -14.91 -18.42
C TYR A 42 26.55 -16.21 -17.63
N LEU A 43 25.34 -16.67 -17.32
CA LEU A 43 25.11 -18.02 -16.83
C LEU A 43 24.41 -18.85 -17.90
N ARG A 44 24.97 -20.01 -18.16
CA ARG A 44 24.50 -20.91 -19.22
C ARG A 44 23.97 -22.20 -18.59
N MET A 45 22.87 -22.73 -19.14
CA MET A 45 22.22 -23.93 -18.59
C MET A 45 22.08 -25.07 -19.62
N ASP A 46 22.26 -24.76 -20.89
CA ASP A 46 22.01 -25.71 -21.99
C ASP A 46 22.73 -25.25 -23.27
N ARG A 47 22.25 -25.69 -24.43
CA ARG A 47 22.86 -25.32 -25.72
C ARG A 47 22.99 -23.80 -25.95
N TRP A 48 22.00 -23.03 -25.49
CA TRP A 48 21.96 -21.57 -25.70
C TRP A 48 23.24 -20.92 -25.18
N HIS A 49 23.65 -19.83 -25.83
CA HIS A 49 24.78 -19.02 -25.32
C HIS A 49 24.60 -18.73 -23.84
N HIS A 50 23.41 -18.26 -23.44
CA HIS A 50 23.11 -18.06 -22.02
C HIS A 50 21.61 -18.18 -21.74
N ARG A 51 21.28 -18.37 -20.46
CA ARG A 51 19.91 -18.19 -19.99
C ARG A 51 19.79 -16.98 -19.05
N ILE A 52 20.92 -16.55 -18.48
CA ILE A 52 20.88 -15.45 -17.52
C ILE A 52 22.05 -14.52 -17.75
N VAL A 53 21.76 -13.21 -17.80
CA VAL A 53 22.79 -12.18 -17.94
C VAL A 53 22.99 -11.53 -16.58
N LEU A 54 24.24 -11.50 -16.11
CA LEU A 54 24.56 -10.85 -14.84
C LEU A 54 25.22 -9.50 -15.09
N HIS A 55 24.48 -8.44 -14.77
CA HIS A 55 24.96 -7.06 -14.91
C HIS A 55 25.55 -6.61 -13.58
N ALA A 56 26.84 -6.34 -13.56
CA ALA A 56 27.51 -5.89 -12.34
C ALA A 56 27.37 -4.38 -12.22
N ASP A 57 26.16 -3.93 -11.86
CA ASP A 57 25.88 -2.51 -11.72
C ASP A 57 25.77 -2.04 -10.26
N GLY A 58 25.74 -2.99 -9.31
CA GLY A 58 25.67 -2.65 -7.89
C GLY A 58 24.31 -2.82 -7.22
N SER A 59 23.27 -3.01 -8.04
CA SER A 59 21.94 -3.35 -7.53
C SER A 59 21.85 -4.87 -7.37
N ASP A 60 20.76 -5.35 -6.76
CA ASP A 60 20.55 -6.79 -6.56
C ASP A 60 19.10 -7.17 -6.79
N ASP A 61 18.68 -7.11 -8.04
CA ASP A 61 17.28 -7.32 -8.42
C ASP A 61 17.20 -7.75 -9.87
N LEU A 62 15.98 -8.05 -10.32
CA LEU A 62 15.71 -8.39 -11.71
C LEU A 62 15.84 -7.14 -12.57
N ALA A 63 16.49 -7.26 -13.72
CA ALA A 63 16.63 -6.13 -14.66
C ALA A 63 15.67 -6.20 -15.84
N TYR A 64 15.54 -7.39 -16.43
CA TYR A 64 14.58 -7.62 -17.52
C TYR A 64 14.20 -9.09 -17.63
N ILE A 65 13.04 -9.34 -18.21
CA ILE A 65 12.50 -10.68 -18.43
C ILE A 65 12.36 -10.87 -19.94
N GLY A 66 12.91 -11.97 -20.46
CA GLY A 66 12.89 -12.23 -21.90
C GLY A 66 11.98 -13.38 -22.30
N TRP A 67 10.99 -13.08 -23.13
CA TRP A 67 10.02 -14.07 -23.60
C TRP A 67 10.27 -14.39 -25.06
N ARG A 68 10.33 -15.69 -25.38
CA ARG A 68 10.61 -16.14 -26.75
C ARG A 68 9.34 -16.27 -27.59
N VAL A 69 9.46 -15.94 -28.88
CA VAL A 69 8.47 -16.35 -29.88
C VAL A 69 9.17 -17.13 -30.98
N ALA A 70 8.38 -17.82 -31.81
CA ALA A 70 8.91 -18.75 -32.82
C ALA A 70 9.78 -18.11 -33.87
N GLY A 71 9.43 -16.87 -34.26
CA GLY A 71 10.12 -16.19 -35.34
C GLY A 71 9.65 -14.76 -35.57
N PRO A 72 10.14 -14.12 -36.64
CA PRO A 72 9.83 -12.72 -36.94
C PRO A 72 8.36 -12.46 -37.27
N VAL A 73 7.73 -13.38 -37.98
CA VAL A 73 6.30 -13.26 -38.32
C VAL A 73 5.45 -13.22 -37.04
N GLU A 74 5.75 -14.14 -36.12
CA GLU A 74 5.11 -14.17 -34.80
C GLU A 74 5.40 -12.91 -33.98
N LEU A 75 6.66 -12.44 -34.00
CA LEU A 75 7.04 -11.23 -33.28
C LEU A 75 6.25 -10.03 -33.77
N ASP A 76 6.16 -9.86 -35.09
CA ASP A 76 5.42 -8.73 -35.63
CA ASP A 76 5.40 -8.77 -35.70
C ASP A 76 3.92 -8.83 -35.37
N GLU A 77 3.39 -10.06 -35.32
CA GLU A 77 1.99 -10.32 -34.98
C GLU A 77 1.68 -9.88 -33.55
N LEU A 78 2.51 -10.31 -32.61
CA LEU A 78 2.38 -9.93 -31.21
C LEU A 78 2.56 -8.42 -31.03
N ALA A 79 3.51 -7.84 -31.78
CA ALA A 79 3.66 -6.39 -31.81
C ALA A 79 2.37 -5.69 -32.22
N GLU A 80 1.72 -6.22 -33.26
CA GLU A 80 0.43 -5.70 -33.72
C GLU A 80 -0.66 -5.77 -32.65
N GLN A 81 -0.68 -6.87 -31.89
CA GLN A 81 -1.60 -7.01 -30.76
C GLN A 81 -1.32 -5.94 -29.71
N LEU A 82 -0.04 -5.76 -29.36
CA LEU A 82 0.35 -4.75 -28.37
C LEU A 82 -0.08 -3.35 -28.81
N LYS A 83 0.12 -3.06 -30.10
CA LYS A 83 -0.29 -1.78 -30.68
C LYS A 83 -1.81 -1.58 -30.62
N ASN A 84 -2.56 -2.64 -30.89
CA ASN A 84 -4.02 -2.56 -30.85
C ASN A 84 -4.54 -2.41 -29.42
N ALA A 85 -3.83 -2.99 -28.46
CA ALA A 85 -4.18 -2.88 -27.05
C ALA A 85 -3.75 -1.56 -26.41
N GLY A 86 -3.10 -0.70 -27.18
CA GLY A 86 -2.60 0.58 -26.70
C GLY A 86 -1.38 0.50 -25.80
N ILE A 87 -0.63 -0.60 -25.92
CA ILE A 87 0.56 -0.84 -25.11
C ILE A 87 1.82 -0.34 -25.80
N PRO A 88 2.53 0.62 -25.17
CA PRO A 88 3.75 1.15 -25.79
C PRO A 88 4.86 0.11 -25.79
N PHE A 89 5.61 0.06 -26.90
CA PHE A 89 6.75 -0.83 -27.03
C PHE A 89 7.79 -0.25 -27.98
N GLU A 90 9.03 -0.71 -27.85
CA GLU A 90 10.10 -0.33 -28.76
C GLU A 90 10.46 -1.49 -29.67
N VAL A 91 10.58 -1.22 -30.97
CA VAL A 91 11.23 -2.15 -31.88
C VAL A 91 12.73 -1.87 -31.79
N ALA A 92 13.44 -2.74 -31.08
CA ALA A 92 14.87 -2.54 -30.81
C ALA A 92 15.67 -2.59 -32.11
N SER A 93 16.75 -1.80 -32.15
CA SER A 93 17.66 -1.79 -33.28
C SER A 93 18.37 -3.15 -33.42
N ASP A 94 18.98 -3.40 -34.58
CA ASP A 94 19.80 -4.60 -34.76
C ASP A 94 20.90 -4.69 -33.70
N ALA A 95 21.47 -3.52 -33.34
CA ALA A 95 22.52 -3.44 -32.34
C ALA A 95 22.06 -3.82 -30.94
N ASP A 96 20.85 -3.39 -30.57
CA ASP A 96 20.27 -3.71 -29.26
C ASP A 96 19.82 -5.18 -29.20
N ALA A 97 19.46 -5.73 -30.36
CA ALA A 97 19.15 -7.15 -30.49
C ALA A 97 20.42 -7.99 -30.31
N ALA A 98 21.49 -7.56 -30.98
CA ALA A 98 22.78 -8.25 -30.90
C ALA A 98 23.29 -8.29 -29.47
N GLU A 99 23.05 -7.20 -28.73
CA GLU A 99 23.45 -7.07 -27.32
C GLU A 99 22.85 -8.19 -26.46
N ARG A 100 21.57 -8.49 -26.70
CA ARG A 100 20.84 -9.56 -26.03
C ARG A 100 21.16 -10.94 -26.59
N ARG A 101 21.96 -10.99 -27.66
CA ARG A 101 22.27 -12.23 -28.41
C ARG A 101 21.02 -12.85 -29.06
N VAL A 102 20.17 -11.99 -29.61
CA VAL A 102 18.97 -12.43 -30.34
C VAL A 102 18.91 -11.79 -31.73
N LEU A 103 18.11 -12.37 -32.62
CA LEU A 103 17.95 -11.80 -33.97
C LEU A 103 16.98 -10.62 -34.03
N GLY A 104 15.94 -10.67 -33.21
CA GLY A 104 14.89 -9.66 -33.20
C GLY A 104 14.28 -9.51 -31.82
N LEU A 105 13.95 -8.26 -31.47
CA LEU A 105 13.61 -7.90 -30.09
C LEU A 105 12.65 -6.71 -30.04
N VAL A 106 11.62 -6.85 -29.19
CA VAL A 106 10.71 -5.79 -28.82
C VAL A 106 10.91 -5.58 -27.33
N LYS A 107 10.91 -4.32 -26.89
CA LYS A 107 11.08 -4.00 -25.46
C LYS A 107 9.87 -3.24 -24.92
N LEU A 108 9.38 -3.66 -23.76
CA LEU A 108 8.22 -3.01 -23.14
C LEU A 108 8.24 -3.23 -21.64
N HIS A 109 7.09 -3.03 -21.00
CA HIS A 109 6.93 -3.29 -19.57
C HIS A 109 5.59 -3.94 -19.31
N ASP A 110 5.55 -4.79 -18.29
CA ASP A 110 4.27 -5.35 -17.87
C ASP A 110 3.56 -4.36 -16.93
N PRO A 111 2.31 -4.65 -16.52
CA PRO A 111 1.53 -3.69 -15.73
C PRO A 111 2.13 -3.40 -14.35
N GLY A 112 2.99 -4.30 -13.87
CA GLY A 112 3.71 -4.11 -12.62
C GLY A 112 4.97 -3.28 -12.81
N GLY A 113 5.24 -2.88 -14.05
CA GLY A 113 6.38 -2.05 -14.39
C GLY A 113 7.64 -2.83 -14.72
N ASN A 114 7.55 -4.16 -14.71
CA ASN A 114 8.71 -5.02 -14.97
C ASN A 114 9.15 -4.97 -16.43
N PRO A 115 10.43 -4.62 -16.66
CA PRO A 115 10.87 -4.54 -18.05
C PRO A 115 10.75 -5.90 -18.71
N THR A 116 10.05 -5.92 -19.84
CA THR A 116 9.63 -7.15 -20.48
C THR A 116 10.08 -7.11 -21.93
N GLU A 117 10.67 -8.21 -22.39
CA GLU A 117 11.20 -8.28 -23.73
C GLU A 117 10.64 -9.48 -24.48
N ILE A 118 10.39 -9.30 -25.76
CA ILE A 118 9.91 -10.40 -26.61
C ILE A 118 10.89 -10.51 -27.77
N PHE A 119 11.35 -11.74 -28.04
CA PHE A 119 12.42 -11.95 -29.00
C PHE A 119 12.26 -13.26 -29.78
N TYR A 120 12.97 -13.36 -30.89
CA TYR A 120 13.14 -14.64 -31.58
C TYR A 120 14.61 -14.81 -31.95
N GLY A 121 15.03 -16.05 -32.19
CA GLY A 121 16.40 -16.35 -32.62
C GLY A 121 17.53 -16.17 -31.61
N PRO A 122 17.47 -16.89 -30.47
CA PRO A 122 18.58 -16.82 -29.51
C PRO A 122 19.85 -17.39 -30.12
N GLN A 123 21.00 -16.89 -29.70
CA GLN A 123 22.27 -17.45 -30.09
C GLN A 123 22.42 -18.80 -29.41
N VAL A 124 22.69 -19.83 -30.20
CA VAL A 124 22.90 -21.20 -29.71
C VAL A 124 24.36 -21.60 -29.98
N ASP A 125 25.03 -22.08 -28.94
CA ASP A 125 26.45 -22.40 -29.02
C ASP A 125 26.67 -23.91 -29.06
N THR A 126 26.09 -24.54 -30.08
CA THR A 126 26.09 -25.99 -30.24
C THR A 126 27.50 -26.57 -30.33
N SER A 127 28.43 -25.80 -30.89
CA SER A 127 29.82 -26.24 -31.08
C SER A 127 30.61 -26.38 -29.77
N SER A 128 30.18 -25.67 -28.73
CA SER A 128 30.80 -25.79 -27.42
C SER A 128 29.78 -26.31 -26.41
N PRO A 129 29.78 -27.63 -26.17
CA PRO A 129 28.70 -28.22 -25.38
C PRO A 129 28.65 -27.70 -23.94
N PHE A 130 27.44 -27.72 -23.38
CA PHE A 130 27.24 -27.33 -21.98
C PHE A 130 28.21 -28.07 -21.08
N HIS A 131 28.91 -27.32 -20.23
CA HIS A 131 29.86 -27.89 -19.29
C HIS A 131 29.58 -27.30 -17.91
N PRO A 132 28.95 -28.11 -17.02
CA PRO A 132 28.43 -27.60 -15.76
C PRO A 132 29.50 -27.07 -14.80
N GLY A 133 29.13 -26.05 -14.04
CA GLY A 133 30.04 -25.40 -13.06
C GLY A 133 30.47 -26.28 -11.90
N ARG A 134 29.74 -27.38 -11.71
CA ARG A 134 30.14 -28.45 -10.79
C ARG A 134 29.71 -29.78 -11.41
N PRO A 135 30.31 -30.91 -10.95
CA PRO A 135 29.91 -32.18 -11.56
C PRO A 135 28.41 -32.43 -11.44
N MET A 136 27.78 -32.87 -12.53
CA MET A 136 26.35 -33.11 -12.55
C MET A 136 26.01 -34.53 -12.99
N PHE A 137 25.02 -35.11 -12.33
CA PHE A 137 24.50 -36.44 -12.67
C PHE A 137 23.76 -36.40 -13.99
N GLY A 138 23.06 -35.29 -14.21
CA GLY A 138 22.24 -35.12 -15.39
C GLY A 138 22.43 -33.74 -16.01
N LYS A 139 21.30 -33.09 -16.26
CA LYS A 139 21.22 -31.82 -16.99
C LYS A 139 20.14 -30.95 -16.37
N PHE A 140 19.91 -29.78 -16.97
CA PHE A 140 18.75 -28.97 -16.61
C PHE A 140 17.61 -29.27 -17.56
N VAL A 141 16.38 -29.13 -17.06
CA VAL A 141 15.19 -29.22 -17.90
C VAL A 141 14.97 -27.85 -18.53
N THR A 142 15.21 -27.73 -19.84
CA THR A 142 15.03 -26.44 -20.51
C THR A 142 14.36 -26.54 -21.88
N GLU A 143 14.72 -27.55 -22.65
CA GLU A 143 14.27 -27.68 -24.05
C GLU A 143 12.75 -27.53 -24.21
N GLY A 144 12.35 -26.45 -24.88
CA GLY A 144 10.93 -26.15 -25.11
C GLY A 144 10.20 -25.68 -23.85
N GLN A 145 10.92 -25.59 -22.74
CA GLN A 145 10.32 -25.22 -21.45
C GLN A 145 10.89 -23.94 -20.85
N GLY A 146 11.82 -23.30 -21.55
CA GLY A 146 12.49 -22.11 -21.02
C GLY A 146 13.45 -22.43 -19.87
N LEU A 147 13.99 -21.40 -19.23
CA LEU A 147 14.99 -21.59 -18.18
C LEU A 147 14.42 -22.09 -16.85
N GLY A 148 13.12 -21.92 -16.65
CA GLY A 148 12.48 -22.23 -15.37
C GLY A 148 11.27 -21.34 -15.18
N HIS A 149 10.94 -21.03 -13.93
CA HIS A 149 9.86 -20.10 -13.62
C HIS A 149 10.23 -19.06 -12.57
N ILE A 150 9.49 -17.94 -12.59
CA ILE A 150 9.74 -16.82 -11.69
C ILE A 150 8.44 -16.37 -11.02
N ILE A 151 8.53 -15.94 -9.76
CA ILE A 151 7.46 -15.15 -9.15
C ILE A 151 7.91 -13.68 -9.16
N ILE A 152 7.03 -12.79 -9.63
CA ILE A 152 7.36 -11.36 -9.74
C ILE A 152 6.29 -10.43 -9.16
N ARG A 153 6.69 -9.19 -8.93
CA ARG A 153 5.83 -8.16 -8.33
CA ARG A 153 5.84 -8.16 -8.33
C ARG A 153 4.79 -7.69 -9.33
N GLU A 154 3.53 -7.67 -8.90
CA GLU A 154 2.44 -7.10 -9.70
C GLU A 154 1.54 -6.32 -8.76
N ASP A 155 1.37 -5.03 -9.03
CA ASP A 155 0.52 -4.19 -8.18
C ASP A 155 -0.96 -4.33 -8.54
N ASP A 156 -1.21 -4.86 -9.73
CA ASP A 156 -2.57 -5.13 -10.17
C ASP A 156 -2.66 -6.52 -10.78
N VAL A 157 -3.18 -7.44 -9.99
CA VAL A 157 -3.19 -8.86 -10.36
C VAL A 157 -4.01 -9.09 -11.62
N GLU A 158 -5.21 -8.51 -11.64
CA GLU A 158 -6.11 -8.64 -12.80
CA GLU A 158 -6.12 -8.63 -12.80
C GLU A 158 -5.51 -8.05 -14.07
N GLU A 159 -4.91 -6.87 -13.95
CA GLU A 159 -4.23 -6.21 -15.06
C GLU A 159 -3.10 -7.07 -15.61
N ALA A 160 -2.31 -7.64 -14.71
CA ALA A 160 -1.16 -8.47 -15.07
C ALA A 160 -1.60 -9.77 -15.76
N THR A 161 -2.64 -10.40 -15.23
CA THR A 161 -3.16 -11.61 -15.86
C THR A 161 -3.63 -11.32 -17.28
N ARG A 162 -4.34 -10.21 -17.45
CA ARG A 162 -4.85 -9.81 -18.77
C ARG A 162 -3.71 -9.54 -19.76
N PHE A 163 -2.68 -8.84 -19.29
CA PHE A 163 -1.50 -8.56 -20.09
C PHE A 163 -0.83 -9.86 -20.55
N TYR A 164 -0.56 -10.75 -19.59
CA TYR A 164 0.10 -12.01 -19.91
C TYR A 164 -0.74 -12.95 -20.78
N ARG A 165 -2.07 -12.85 -20.68
CA ARG A 165 -2.97 -13.56 -21.61
C ARG A 165 -2.82 -13.02 -23.04
N LEU A 166 -2.63 -11.71 -23.18
CA LEU A 166 -2.36 -11.13 -24.50
C LEU A 166 -1.07 -11.69 -25.14
N LEU A 167 -0.05 -11.90 -24.32
CA LEU A 167 1.24 -12.44 -24.78
C LEU A 167 1.15 -13.94 -25.10
N GLY A 168 0.10 -14.57 -24.59
CA GLY A 168 -0.22 -15.94 -24.95
C GLY A 168 -0.08 -16.96 -23.83
N LEU A 169 0.33 -16.52 -22.64
CA LEU A 169 0.38 -17.41 -21.48
C LEU A 169 -1.05 -17.69 -21.03
N GLU A 170 -1.24 -18.82 -20.36
CA GLU A 170 -2.56 -19.20 -19.84
C GLU A 170 -2.48 -19.58 -18.37
N GLY A 171 -3.55 -19.27 -17.64
CA GLY A 171 -3.58 -19.63 -16.23
C GLY A 171 -4.61 -18.85 -15.46
N ALA A 172 -4.61 -19.09 -14.15
CA ALA A 172 -5.53 -18.46 -13.23
C ALA A 172 -5.00 -18.64 -11.81
N VAL A 173 -5.81 -18.28 -10.82
CA VAL A 173 -5.51 -18.57 -9.41
C VAL A 173 -5.41 -20.08 -9.21
N GLU A 174 -4.35 -20.55 -8.53
CA GLU A 174 -4.22 -21.98 -8.25
C GLU A 174 -4.22 -22.36 -6.76
N TYR A 175 -4.28 -21.36 -5.89
CA TYR A 175 -4.26 -21.61 -4.45
C TYR A 175 -5.16 -20.63 -3.72
N LYS A 176 -5.73 -21.07 -2.60
CA LYS A 176 -6.38 -20.17 -1.66
C LYS A 176 -5.78 -20.42 -0.28
N PHE A 177 -4.89 -19.50 0.14
CA PHE A 177 -4.19 -19.56 1.44
C PHE A 177 -4.91 -18.73 2.50
N ALA A 178 -4.77 -19.12 3.77
CA ALA A 178 -5.37 -18.37 4.88
C ALA A 178 -4.43 -17.30 5.44
N LEU A 179 -4.88 -16.05 5.44
CA LEU A 179 -4.08 -14.91 5.94
C LEU A 179 -4.75 -14.17 7.12
N PRO A 180 -3.98 -13.39 7.87
CA PRO A 180 -4.46 -12.81 9.12
C PRO A 180 -5.60 -11.81 9.11
N ASN A 181 -5.65 -10.89 8.18
CA ASN A 181 -6.58 -9.76 8.24
C ASN A 181 -7.93 -10.01 7.64
N GLY A 182 -8.28 -11.28 7.57
CA GLY A 182 -9.52 -11.74 6.97
C GLY A 182 -9.28 -11.85 5.49
N ALA A 183 -8.03 -11.73 5.11
CA ALA A 183 -7.68 -11.79 3.69
C ALA A 183 -7.27 -13.19 3.29
N VAL A 184 -7.44 -13.48 2.01
CA VAL A 184 -6.94 -14.74 1.43
C VAL A 184 -5.87 -14.44 0.39
N GLY A 185 -4.86 -15.30 0.35
CA GLY A 185 -3.83 -15.22 -0.68
C GLY A 185 -4.29 -16.06 -1.84
N THR A 186 -4.37 -15.45 -3.03
CA THR A 186 -4.84 -16.13 -4.23
C THR A 186 -3.86 -15.94 -5.39
N PRO A 187 -2.66 -16.54 -5.28
CA PRO A 187 -1.62 -16.36 -6.31
C PRO A 187 -1.99 -16.98 -7.65
N VAL A 188 -1.57 -16.29 -8.71
CA VAL A 188 -1.89 -16.65 -10.09
C VAL A 188 -0.67 -17.29 -10.72
N PHE A 189 -0.89 -18.42 -11.40
CA PHE A 189 0.18 -19.18 -12.05
C PHE A 189 -0.14 -19.28 -13.53
N MET A 190 0.87 -19.07 -14.39
CA MET A 190 0.64 -19.08 -15.84
C MET A 190 1.72 -19.84 -16.60
N HIS A 191 1.30 -20.53 -17.65
CA HIS A 191 2.15 -21.41 -18.45
C HIS A 191 2.03 -21.09 -19.94
N CYS A 192 3.02 -21.50 -20.73
CA CYS A 192 3.02 -21.28 -22.19
C CYS A 192 3.65 -22.47 -22.95
N ASN A 193 4.00 -23.50 -22.19
CA ASN A 193 4.55 -24.74 -22.72
C ASN A 193 4.38 -25.83 -21.67
N ASP A 194 5.15 -26.92 -21.77
CA ASP A 194 5.03 -28.05 -20.84
C ASP A 194 5.49 -27.79 -19.40
N ARG A 195 6.19 -26.67 -19.15
CA ARG A 195 6.54 -26.35 -17.77
C ARG A 195 5.27 -25.98 -17.05
N HIS A 196 5.07 -26.57 -15.87
CA HIS A 196 3.82 -26.35 -15.13
C HIS A 196 3.41 -24.89 -15.12
N HIS A 197 4.34 -24.03 -14.74
CA HIS A 197 4.17 -22.60 -14.96
C HIS A 197 5.53 -21.98 -15.24
N SER A 198 5.53 -20.86 -15.97
CA SER A 198 6.75 -20.10 -16.21
C SER A 198 6.74 -18.83 -15.37
N LEU A 199 5.57 -18.52 -14.80
CA LEU A 199 5.34 -17.22 -14.18
C LEU A 199 4.23 -17.32 -13.13
N ALA A 200 4.39 -16.57 -12.05
CA ALA A 200 3.37 -16.45 -11.01
C ALA A 200 3.47 -15.11 -10.32
N PHE A 201 2.37 -14.69 -9.71
CA PHE A 201 2.32 -13.42 -8.97
C PHE A 201 1.10 -13.40 -8.07
N GLY A 202 0.94 -12.32 -7.30
CA GLY A 202 -0.16 -12.23 -6.33
C GLY A 202 0.19 -12.83 -4.98
N VAL A 203 1.46 -12.73 -4.60
CA VAL A 203 1.98 -13.34 -3.37
C VAL A 203 2.02 -12.42 -2.13
N GLY A 204 1.74 -11.13 -2.32
CA GLY A 204 1.76 -10.18 -1.22
C GLY A 204 2.96 -9.25 -1.30
N PRO A 205 3.25 -8.51 -0.21
CA PRO A 205 4.37 -7.56 -0.27
C PRO A 205 5.67 -8.25 -0.65
N MET A 206 6.42 -7.61 -1.55
CA MET A 206 7.71 -8.11 -2.00
C MET A 206 8.79 -7.06 -1.83
N ASP A 207 9.93 -7.48 -1.28
CA ASP A 207 11.09 -6.62 -1.10
C ASP A 207 11.72 -6.22 -2.43
N LYS A 208 11.60 -7.08 -3.44
CA LYS A 208 12.20 -6.85 -4.75
C LYS A 208 11.21 -7.19 -5.88
N ARG A 209 11.62 -6.92 -7.12
CA ARG A 209 10.81 -7.21 -8.30
C ARG A 209 10.55 -8.72 -8.48
N ILE A 210 11.50 -9.53 -8.04
CA ILE A 210 11.44 -10.99 -8.17
C ILE A 210 11.53 -11.62 -6.78
N ASN A 211 10.76 -12.68 -6.54
CA ASN A 211 10.82 -13.36 -5.26
C ASN A 211 11.73 -14.56 -5.36
N HIS A 212 11.55 -15.31 -6.44
CA HIS A 212 12.38 -16.47 -6.72
C HIS A 212 12.39 -16.89 -8.19
N LEU A 213 13.38 -17.70 -8.52
CA LEU A 213 13.51 -18.39 -9.77
C LEU A 213 13.59 -19.87 -9.44
N MET A 214 12.88 -20.71 -10.15
CA MET A 214 12.99 -22.12 -9.97
C MET A 214 13.75 -22.71 -11.17
N ILE A 215 14.75 -23.50 -10.86
CA ILE A 215 15.57 -24.16 -11.82
C ILE A 215 15.38 -25.68 -11.63
N GLU A 216 15.28 -26.41 -12.73
CA GLU A 216 14.92 -27.83 -12.63
C GLU A 216 16.01 -28.74 -13.17
N TYR A 217 16.41 -29.71 -12.36
CA TYR A 217 17.34 -30.77 -12.75
C TYR A 217 16.62 -31.94 -13.41
N THR A 218 17.26 -32.59 -14.37
CA THR A 218 16.71 -33.83 -14.93
C THR A 218 16.82 -34.99 -13.93
N HIS A 219 17.84 -34.92 -13.07
CA HIS A 219 18.19 -36.01 -12.16
C HIS A 219 18.05 -35.61 -10.71
N LEU A 220 17.26 -36.40 -9.97
CA LEU A 220 17.03 -36.17 -8.56
C LEU A 220 18.34 -36.02 -7.80
N ASP A 221 19.32 -36.86 -8.15
CA ASP A 221 20.63 -36.85 -7.49
C ASP A 221 21.31 -35.49 -7.59
N ASP A 222 21.04 -34.74 -8.65
CA ASP A 222 21.56 -33.38 -8.77
C ASP A 222 20.94 -32.42 -7.76
N LEU A 223 19.67 -32.62 -7.45
CA LEU A 223 19.01 -31.81 -6.42
C LEU A 223 19.59 -32.14 -5.04
N GLY A 224 19.88 -33.42 -4.81
CA GLY A 224 20.45 -33.86 -3.53
C GLY A 224 21.86 -33.31 -3.34
N TYR A 225 22.62 -33.32 -4.42
CA TYR A 225 23.95 -32.74 -4.44
C TYR A 225 23.89 -31.25 -4.06
N ALA A 226 23.00 -30.51 -4.73
CA ALA A 226 22.84 -29.09 -4.49
C ALA A 226 22.36 -28.78 -3.07
N HIS A 227 21.43 -29.59 -2.56
CA HIS A 227 20.85 -29.39 -1.23
C HIS A 227 21.89 -29.59 -0.12
N ASP A 228 22.67 -30.65 -0.24
CA ASP A 228 23.74 -30.98 0.72
C ASP A 228 24.81 -29.89 0.74
N LEU A 229 25.09 -29.33 -0.43
CA LEU A 229 26.12 -28.31 -0.55
C LEU A 229 25.64 -26.99 0.05
N VAL A 230 24.40 -26.58 -0.26
CA VAL A 230 23.79 -25.39 0.32
C VAL A 230 23.82 -25.48 1.85
N ARG A 231 23.53 -26.69 2.35
CA ARG A 231 23.50 -27.00 3.78
C ARG A 231 24.89 -26.91 4.39
N GLN A 232 25.88 -27.46 3.70
CA GLN A 232 27.29 -27.42 4.13
C GLN A 232 27.83 -25.98 4.18
N GLN A 233 27.35 -25.16 3.26
CA GLN A 233 27.80 -23.78 3.07
C GLN A 233 27.12 -22.81 4.03
N LYS A 234 26.10 -23.29 4.74
CA LYS A 234 25.30 -22.51 5.69
C LYS A 234 24.50 -21.40 5.02
N ILE A 235 24.13 -21.61 3.77
CA ILE A 235 23.26 -20.69 3.02
C ILE A 235 21.83 -20.87 3.54
N ASP A 236 21.16 -19.75 3.79
CA ASP A 236 19.79 -19.75 4.32
C ASP A 236 18.84 -20.52 3.42
N VAL A 237 18.09 -21.44 4.04
CA VAL A 237 17.00 -22.17 3.37
C VAL A 237 15.71 -21.66 4.00
N THR A 238 14.84 -21.07 3.19
CA THR A 238 13.60 -20.51 3.73
C THR A 238 12.44 -21.53 3.75
N LEU A 239 12.46 -22.46 2.80
CA LEU A 239 11.49 -23.56 2.77
C LEU A 239 12.23 -24.86 2.52
N GLN A 240 12.06 -25.82 3.43
CA GLN A 240 12.74 -27.11 3.33
C GLN A 240 12.21 -27.92 2.14
N ILE A 241 12.90 -29.01 1.82
CA ILE A 241 12.45 -29.90 0.75
C ILE A 241 10.97 -30.25 0.92
N GLY A 242 10.21 -30.13 -0.16
CA GLY A 242 8.82 -30.55 -0.19
C GLY A 242 8.25 -30.52 -1.59
N LYS A 243 6.92 -30.59 -1.67
CA LYS A 243 6.19 -30.59 -2.92
C LYS A 243 5.01 -29.64 -2.82
N HIS A 244 4.92 -28.69 -3.73
CA HIS A 244 3.70 -27.91 -3.92
C HIS A 244 2.63 -28.83 -4.56
N SER A 245 1.36 -28.55 -4.29
CA SER A 245 0.29 -29.34 -4.88
C SER A 245 0.09 -29.09 -6.37
N ASN A 246 0.52 -27.93 -6.87
CA ASN A 246 0.31 -27.60 -8.29
C ASN A 246 1.30 -28.27 -9.25
N ASP A 247 2.60 -28.03 -9.06
CA ASP A 247 3.62 -28.57 -9.96
C ASP A 247 4.12 -29.95 -9.52
N GLU A 248 3.79 -30.31 -8.27
CA GLU A 248 4.14 -31.61 -7.69
C GLU A 248 5.64 -31.92 -7.83
N ALA A 249 6.43 -30.86 -7.89
CA ALA A 249 7.89 -30.95 -8.00
C ALA A 249 8.48 -31.12 -6.61
N LEU A 250 9.62 -31.80 -6.51
CA LEU A 250 10.38 -31.83 -5.27
C LEU A 250 11.38 -30.68 -5.29
N THR A 251 11.19 -29.70 -4.40
CA THR A 251 12.00 -28.49 -4.40
C THR A 251 12.35 -28.00 -2.99
N PHE A 252 13.42 -27.21 -2.89
CA PHE A 252 13.62 -26.37 -1.71
C PHE A 252 13.92 -24.96 -2.17
N TYR A 253 13.83 -24.01 -1.25
CA TYR A 253 14.03 -22.60 -1.56
C TYR A 253 15.16 -22.07 -0.67
N CYS A 254 16.21 -21.53 -1.30
CA CYS A 254 17.39 -21.05 -0.59
C CYS A 254 17.82 -19.69 -1.10
N ALA A 255 18.50 -18.92 -0.24
CA ALA A 255 18.94 -17.57 -0.58
C ALA A 255 20.03 -17.58 -1.64
N ASN A 256 20.05 -16.53 -2.45
CA ASN A 256 21.11 -16.34 -3.44
C ASN A 256 21.93 -15.09 -3.08
N PRO A 257 23.08 -14.89 -3.76
CA PRO A 257 23.93 -13.74 -3.41
C PRO A 257 23.26 -12.38 -3.51
N SER A 258 22.11 -12.29 -4.17
CA SER A 258 21.41 -11.01 -4.29
C SER A 258 20.35 -10.76 -3.23
N GLY A 259 20.18 -11.68 -2.29
CA GLY A 259 19.20 -11.51 -1.23
C GLY A 259 17.80 -12.02 -1.53
N TRP A 260 17.56 -12.51 -2.75
CA TRP A 260 16.33 -13.21 -3.05
C TRP A 260 16.54 -14.73 -3.10
N LEU A 261 15.60 -15.46 -3.69
CA LEU A 261 15.63 -16.92 -3.60
C LEU A 261 15.80 -17.61 -4.93
N TRP A 262 16.53 -18.72 -4.92
CA TRP A 262 16.46 -19.72 -5.97
C TRP A 262 15.83 -20.98 -5.41
N GLU A 263 15.07 -21.66 -6.25
CA GLU A 263 14.34 -22.87 -5.88
C GLU A 263 14.79 -24.03 -6.79
N PRO A 264 15.84 -24.76 -6.38
CA PRO A 264 16.25 -25.92 -7.18
C PRO A 264 15.23 -27.03 -7.00
N GLY A 265 14.95 -27.78 -8.06
CA GLY A 265 13.95 -28.84 -7.97
C GLY A 265 14.08 -29.94 -9.00
N TRP A 266 13.19 -30.92 -8.87
CA TRP A 266 13.17 -32.10 -9.72
C TRP A 266 11.73 -32.60 -9.89
N GLY A 267 11.47 -33.24 -11.03
CA GLY A 267 10.21 -33.96 -11.25
C GLY A 267 8.93 -33.15 -11.32
N SER A 268 9.00 -31.95 -11.91
CA SER A 268 7.82 -31.10 -12.09
CA SER A 268 7.82 -31.09 -12.10
C SER A 268 6.90 -31.67 -13.17
N ARG A 269 5.60 -31.58 -12.96
CA ARG A 269 4.64 -32.11 -13.93
C ARG A 269 4.15 -31.00 -14.86
N PRO A 270 3.61 -31.36 -16.05
CA PRO A 270 2.98 -30.35 -16.89
C PRO A 270 1.74 -29.77 -16.22
N ALA A 271 1.35 -28.56 -16.59
CA ALA A 271 0.11 -27.97 -16.07
C ALA A 271 -1.09 -28.80 -16.54
N PRO A 272 -2.05 -29.02 -15.63
CA PRO A 272 -3.27 -29.71 -16.02
C PRO A 272 -3.93 -28.98 -17.19
N ALA A 273 -4.57 -29.75 -18.08
CA ALA A 273 -5.31 -29.20 -19.21
C ALA A 273 -6.38 -28.20 -18.77
N GLN A 274 -7.03 -28.50 -17.64
CA GLN A 274 -8.04 -27.61 -17.06
C GLN A 274 -7.62 -27.13 -15.68
N GLN A 275 -8.00 -25.89 -15.38
CA GLN A 275 -7.66 -25.23 -14.11
C GLN A 275 -8.04 -26.02 -12.87
N GLU A 276 -7.11 -26.08 -11.91
CA GLU A 276 -7.33 -26.69 -10.59
C GLU A 276 -6.93 -25.67 -9.50
N HIS A 277 -7.50 -25.81 -8.31
CA HIS A 277 -6.95 -25.03 -7.18
C HIS A 277 -6.79 -25.88 -5.93
N TYR A 278 -5.86 -25.46 -5.07
CA TYR A 278 -5.47 -26.23 -3.89
C TYR A 278 -5.49 -25.32 -2.67
N LEU A 279 -5.47 -25.92 -1.49
CA LEU A 279 -5.53 -25.17 -0.24
C LEU A 279 -4.21 -25.29 0.53
N ARG A 280 -3.39 -26.25 0.12
CA ARG A 280 -2.12 -26.55 0.80
C ARG A 280 -1.18 -27.38 -0.05
N ASP A 281 0.08 -27.43 0.36
CA ASP A 281 1.12 -28.25 -0.25
C ASP A 281 0.90 -29.72 0.10
N ILE A 282 1.60 -30.61 -0.59
CA ILE A 282 1.50 -32.05 -0.36
C ILE A 282 2.27 -32.45 0.90
N PHE A 283 3.58 -32.26 0.87
CA PHE A 283 4.45 -32.57 2.01
C PHE A 283 5.66 -31.65 2.05
N GLY A 284 6.35 -31.64 3.20
CA GLY A 284 7.53 -30.82 3.41
C GLY A 284 7.29 -29.34 3.16
N HIS A 285 8.32 -28.65 2.68
CA HIS A 285 8.29 -27.19 2.50
C HIS A 285 8.05 -26.49 3.84
N ASP A 286 8.58 -27.09 4.90
CA ASP A 286 8.55 -26.52 6.25
C ASP A 286 9.30 -25.19 6.25
N ASN A 287 8.73 -24.20 6.92
CA ASN A 287 9.39 -22.90 7.09
C ASN A 287 10.65 -23.05 7.94
N GLU A 288 11.75 -22.48 7.44
CA GLU A 288 13.01 -22.46 8.19
C GLU A 288 13.43 -21.01 8.39
N VAL A 289 14.45 -20.55 7.68
CA VAL A 289 14.91 -19.17 7.82
C VAL A 289 13.92 -18.18 7.20
N GLU A 290 13.33 -17.34 8.03
CA GLU A 290 12.29 -16.42 7.57
C GLU A 290 12.82 -15.08 7.05
N GLY A 291 11.93 -14.31 6.41
CA GLY A 291 12.25 -12.97 5.92
C GLY A 291 12.50 -12.88 4.43
N TYR A 292 12.20 -13.95 3.70
CA TYR A 292 12.43 -14.01 2.25
C TYR A 292 11.13 -13.91 1.44
N GLY A 293 10.07 -13.43 2.09
CA GLY A 293 8.79 -13.18 1.43
C GLY A 293 7.89 -14.40 1.31
N LEU A 294 8.29 -15.50 1.94
CA LEU A 294 7.54 -16.74 1.89
C LEU A 294 7.18 -17.22 3.30
N ASP A 295 6.94 -16.26 4.19
CA ASP A 295 6.60 -16.53 5.60
C ASP A 295 5.14 -16.98 5.74
N ILE A 296 4.78 -17.98 4.93
CA ILE A 296 3.42 -18.53 4.86
C ILE A 296 3.42 -20.02 5.27
N PRO A 297 2.46 -20.43 6.11
CA PRO A 297 2.33 -21.86 6.42
C PRO A 297 1.73 -22.60 5.21
N LEU A 298 2.61 -23.16 4.36
CA LEU A 298 2.18 -23.79 3.10
C LEU A 298 1.25 -24.98 3.28
N LYS A 299 1.52 -25.78 4.32
CA LYS A 299 0.70 -26.95 4.62
C LYS A 299 -0.50 -26.57 5.48
N GLY A 300 -1.27 -27.59 5.88
CA GLY A 300 -2.41 -27.40 6.77
C GLY A 300 -2.16 -28.02 8.13
N ALA B 2 17.26 -75.28 -7.27
CA ALA B 2 16.13 -74.49 -6.70
C ALA B 2 16.65 -73.48 -5.67
N LYS B 3 16.09 -72.28 -5.69
CA LYS B 3 16.54 -71.22 -4.80
C LYS B 3 15.36 -70.58 -4.08
N VAL B 4 15.63 -69.94 -2.95
CA VAL B 4 14.64 -69.05 -2.36
C VAL B 4 14.40 -67.91 -3.35
N THR B 5 13.14 -67.47 -3.44
CA THR B 5 12.74 -66.50 -4.47
C THR B 5 12.41 -65.12 -3.91
N GLU B 6 12.04 -65.06 -2.63
CA GLU B 6 11.77 -63.79 -1.95
C GLU B 6 11.78 -63.94 -0.44
N LEU B 7 12.01 -62.82 0.24
CA LEU B 7 11.76 -62.71 1.66
C LEU B 7 10.26 -62.53 1.79
N GLY B 8 9.57 -63.60 2.18
CA GLY B 8 8.11 -63.65 2.18
C GLY B 8 7.42 -63.06 3.39
N TYR B 9 7.92 -63.37 4.59
CA TYR B 9 7.30 -62.87 5.82
C TYR B 9 8.28 -62.73 6.98
N LEU B 10 7.90 -61.92 7.96
CA LEU B 10 8.62 -61.84 9.23
C LEU B 10 7.67 -62.09 10.39
N GLY B 11 8.18 -62.78 11.40
CA GLY B 11 7.49 -62.88 12.68
C GLY B 11 8.21 -61.99 13.67
N LEU B 12 7.45 -61.16 14.38
CA LEU B 12 8.01 -60.26 15.38
C LEU B 12 7.40 -60.51 16.75
N SER B 13 8.24 -60.50 17.78
CA SER B 13 7.79 -60.47 19.17
C SER B 13 7.66 -59.02 19.58
N VAL B 14 6.49 -58.63 20.07
CA VAL B 14 6.24 -57.24 20.46
C VAL B 14 5.64 -57.15 21.87
N SER B 15 5.90 -56.02 22.54
CA SER B 15 5.38 -55.76 23.87
C SER B 15 4.04 -55.04 23.82
N ASN B 16 3.82 -54.29 22.74
CA ASN B 16 2.69 -53.38 22.66
C ASN B 16 2.01 -53.40 21.28
N LEU B 17 0.98 -54.23 21.16
CA LEU B 17 0.19 -54.31 19.92
C LEU B 17 -0.42 -52.97 19.49
N ASP B 18 -1.02 -52.25 20.45
CA ASP B 18 -1.67 -50.95 20.16
C ASP B 18 -0.71 -49.96 19.50
N ALA B 19 0.49 -49.84 20.06
CA ALA B 19 1.53 -48.96 19.54
C ALA B 19 1.93 -49.37 18.14
N TRP B 20 1.98 -50.68 17.91
CA TRP B 20 2.30 -51.20 16.59
C TRP B 20 1.19 -50.91 15.58
N ARG B 21 -0.06 -51.02 16.01
CA ARG B 21 -1.19 -50.72 15.12
C ARG B 21 -1.16 -49.25 14.68
N ASP B 22 -0.94 -48.35 15.64
CA ASP B 22 -0.85 -46.91 15.36
C ASP B 22 0.34 -46.57 14.47
N TYR B 23 1.40 -47.36 14.55
CA TYR B 23 2.65 -47.06 13.85
C TYR B 23 2.64 -47.68 12.46
N ALA B 24 2.54 -49.00 12.39
CA ALA B 24 2.58 -49.72 11.12
C ALA B 24 1.38 -49.41 10.24
N ALA B 25 0.20 -49.25 10.84
CA ALA B 25 -1.00 -48.90 10.07
C ALA B 25 -1.18 -47.39 9.95
N GLY B 26 -1.28 -46.71 11.10
CA GLY B 26 -1.61 -45.29 11.14
C GLY B 26 -0.61 -44.35 10.46
N ILE B 27 0.67 -44.74 10.47
CA ILE B 27 1.72 -43.94 9.82
C ILE B 27 2.22 -44.56 8.51
N MET B 28 2.56 -45.85 8.55
CA MET B 28 3.22 -46.49 7.41
C MET B 28 2.25 -46.91 6.30
N GLY B 29 1.00 -47.14 6.68
CA GLY B 29 -0.05 -47.50 5.74
C GLY B 29 -0.33 -48.98 5.58
N MET B 30 0.28 -49.82 6.41
CA MET B 30 -0.03 -51.26 6.38
C MET B 30 -1.45 -51.50 6.86
N GLN B 31 -1.99 -52.68 6.55
CA GLN B 31 -3.34 -53.03 6.96
C GLN B 31 -3.29 -54.01 8.13
N VAL B 32 -3.98 -53.67 9.22
CA VAL B 32 -4.07 -54.56 10.38
C VAL B 32 -5.04 -55.70 10.09
N VAL B 33 -4.58 -56.93 10.33
CA VAL B 33 -5.39 -58.14 10.16
C VAL B 33 -5.50 -58.88 11.50
N ASP B 34 -6.72 -58.98 12.03
CA ASP B 34 -6.97 -59.67 13.31
C ASP B 34 -7.92 -60.83 13.08
N ASP B 35 -7.42 -62.05 13.25
CA ASP B 35 -8.20 -63.25 12.94
C ASP B 35 -8.88 -63.84 14.17
N GLY B 36 -8.80 -63.14 15.30
CA GLY B 36 -9.48 -63.57 16.53
C GLY B 36 -8.58 -64.40 17.43
N GLU B 37 -7.32 -64.51 17.06
CA GLU B 37 -6.34 -65.20 17.89
C GLU B 37 -5.99 -64.33 19.10
N ASP B 38 -5.97 -64.94 20.28
CA ASP B 38 -5.76 -64.24 21.55
C ASP B 38 -4.35 -63.66 21.73
N ASP B 39 -3.40 -64.13 20.92
CA ASP B 39 -1.98 -63.85 21.18
C ASP B 39 -1.22 -63.22 19.99
N ARG B 40 -1.93 -62.87 18.92
CA ARG B 40 -1.28 -62.35 17.73
C ARG B 40 -2.22 -61.59 16.81
N ILE B 41 -1.64 -60.67 16.05
CA ILE B 41 -2.31 -60.04 14.91
C ILE B 41 -1.34 -60.01 13.72
N TYR B 42 -1.80 -59.50 12.58
CA TYR B 42 -0.97 -59.50 11.37
C TYR B 42 -0.94 -58.13 10.73
N LEU B 43 0.16 -57.85 10.03
CA LEU B 43 0.26 -56.68 9.20
C LEU B 43 0.28 -57.10 7.74
N ARG B 44 -0.58 -56.47 6.95
CA ARG B 44 -0.77 -56.80 5.54
C ARG B 44 -0.25 -55.67 4.66
N MET B 45 0.40 -56.04 3.56
CA MET B 45 1.00 -55.06 2.64
C MET B 45 0.50 -55.16 1.19
N ASP B 46 -0.15 -56.28 0.86
CA ASP B 46 -0.57 -56.57 -0.53
C ASP B 46 -1.62 -57.69 -0.52
N ARG B 47 -1.81 -58.35 -1.66
CA ARG B 47 -2.78 -59.45 -1.78
C ARG B 47 -2.67 -60.53 -0.69
N TRP B 48 -1.44 -60.83 -0.27
CA TRP B 48 -1.20 -61.85 0.76
C TRP B 48 -2.01 -61.56 2.01
N HIS B 49 -2.46 -62.62 2.66
CA HIS B 49 -3.07 -62.52 3.98
C HIS B 49 -2.27 -61.59 4.89
N HIS B 50 -0.95 -61.80 4.92
CA HIS B 50 -0.05 -60.93 5.69
C HIS B 50 1.39 -61.01 5.18
N ARG B 51 2.20 -60.03 5.58
CA ARG B 51 3.65 -60.08 5.41
C ARG B 51 4.36 -60.11 6.76
N ILE B 52 3.69 -59.65 7.82
CA ILE B 52 4.29 -59.58 9.15
C ILE B 52 3.31 -60.15 10.17
N VAL B 53 3.83 -60.98 11.09
CA VAL B 53 3.05 -61.51 12.21
C VAL B 53 3.56 -60.87 13.49
N LEU B 54 2.64 -60.29 14.26
CA LEU B 54 3.00 -59.66 15.53
C LEU B 54 2.54 -60.55 16.68
N HIS B 55 3.51 -61.19 17.34
CA HIS B 55 3.21 -62.02 18.50
C HIS B 55 3.34 -61.19 19.77
N ALA B 56 2.24 -61.10 20.50
CA ALA B 56 2.23 -60.45 21.80
C ALA B 56 2.76 -61.42 22.86
N ASP B 57 4.09 -61.56 22.91
CA ASP B 57 4.73 -62.46 23.88
C ASP B 57 5.52 -61.71 24.96
N GLY B 58 5.55 -60.38 24.85
CA GLY B 58 6.23 -59.54 25.84
C GLY B 58 7.63 -59.09 25.46
N SER B 59 8.17 -59.65 24.37
CA SER B 59 9.53 -59.34 23.91
C SER B 59 9.46 -58.33 22.77
N ASP B 60 10.58 -57.70 22.43
CA ASP B 60 10.61 -56.72 21.32
C ASP B 60 11.74 -57.00 20.34
N ASP B 61 11.61 -58.10 19.60
CA ASP B 61 12.66 -58.54 18.69
C ASP B 61 12.07 -59.39 17.55
N LEU B 62 12.92 -59.78 16.62
CA LEU B 62 12.56 -60.69 15.53
C LEU B 62 12.31 -62.09 16.06
N ALA B 63 11.21 -62.70 15.62
CA ALA B 63 10.90 -64.08 16.00
C ALA B 63 11.39 -65.07 14.95
N TYR B 64 11.06 -64.84 13.69
CA TYR B 64 11.49 -65.74 12.60
C TYR B 64 11.49 -65.05 11.24
N ILE B 65 12.25 -65.62 10.32
CA ILE B 65 12.38 -65.13 8.95
C ILE B 65 11.86 -66.19 8.01
N GLY B 66 10.93 -65.80 7.14
CA GLY B 66 10.31 -66.73 6.21
C GLY B 66 10.73 -66.45 4.78
N TRP B 67 11.44 -67.41 4.19
CA TRP B 67 11.88 -67.36 2.78
C TRP B 67 11.02 -68.29 1.92
N ARG B 68 10.55 -67.75 0.79
CA ARG B 68 9.66 -68.47 -0.11
C ARG B 68 10.44 -69.28 -1.16
N VAL B 69 9.90 -70.45 -1.51
CA VAL B 69 10.30 -71.16 -2.74
C VAL B 69 9.07 -71.37 -3.62
N ALA B 70 9.31 -71.70 -4.89
CA ALA B 70 8.25 -71.81 -5.89
C ALA B 70 7.16 -72.82 -5.56
N GLY B 71 7.55 -73.95 -4.97
CA GLY B 71 6.60 -75.02 -4.72
C GLY B 71 7.18 -76.19 -3.94
N PRO B 72 6.45 -77.31 -3.90
CA PRO B 72 6.79 -78.46 -3.06
C PRO B 72 8.03 -79.24 -3.56
N VAL B 73 8.24 -79.24 -4.87
CA VAL B 73 9.43 -79.88 -5.45
C VAL B 73 10.68 -79.08 -5.06
N GLU B 74 10.61 -77.77 -5.26
CA GLU B 74 11.70 -76.86 -4.90
C GLU B 74 12.04 -76.92 -3.41
N LEU B 75 11.02 -76.99 -2.55
CA LEU B 75 11.25 -77.12 -1.11
C LEU B 75 11.98 -78.41 -0.79
N ASP B 76 11.56 -79.50 -1.43
CA ASP B 76 12.20 -80.80 -1.22
C ASP B 76 13.66 -80.81 -1.71
N GLU B 77 13.91 -80.19 -2.86
CA GLU B 77 15.27 -80.03 -3.38
C GLU B 77 16.18 -79.27 -2.42
N LEU B 78 15.66 -78.20 -1.85
CA LEU B 78 16.44 -77.34 -0.95
C LEU B 78 16.70 -78.06 0.38
N ALA B 79 15.67 -78.76 0.88
CA ALA B 79 15.80 -79.56 2.10
C ALA B 79 16.91 -80.60 1.96
N GLU B 80 16.97 -81.25 0.81
CA GLU B 80 18.02 -82.22 0.52
C GLU B 80 19.40 -81.57 0.54
N GLN B 81 19.49 -80.35 0.01
CA GLN B 81 20.72 -79.55 0.05
C GLN B 81 21.14 -79.26 1.48
N LEU B 82 20.16 -79.02 2.36
CA LEU B 82 20.45 -78.81 3.78
C LEU B 82 20.91 -80.10 4.46
N LYS B 83 20.30 -81.22 4.06
CA LYS B 83 20.68 -82.54 4.54
C LYS B 83 22.11 -82.88 4.13
N ASN B 84 22.47 -82.57 2.89
CA ASN B 84 23.82 -82.82 2.37
C ASN B 84 24.90 -81.95 3.02
N ALA B 85 24.51 -80.72 3.40
CA ALA B 85 25.44 -79.78 4.03
C ALA B 85 25.56 -80.01 5.55
N GLY B 86 24.80 -80.97 6.07
CA GLY B 86 24.76 -81.24 7.50
C GLY B 86 24.09 -80.15 8.31
N ILE B 87 23.03 -79.56 7.75
CA ILE B 87 22.27 -78.52 8.45
C ILE B 87 20.94 -79.09 8.95
N PRO B 88 20.73 -79.06 10.28
CA PRO B 88 19.50 -79.64 10.81
C PRO B 88 18.29 -78.78 10.47
N PHE B 89 17.17 -79.45 10.19
CA PHE B 89 15.92 -78.78 9.94
C PHE B 89 14.78 -79.71 10.34
N GLU B 90 13.64 -79.10 10.66
CA GLU B 90 12.42 -79.84 10.94
C GLU B 90 11.49 -79.71 9.76
N VAL B 91 10.86 -80.81 9.37
CA VAL B 91 9.76 -80.75 8.41
C VAL B 91 8.51 -80.41 9.21
N ALA B 92 7.94 -79.24 8.95
CA ALA B 92 6.79 -78.78 9.72
C ALA B 92 5.52 -79.56 9.36
N SER B 93 4.62 -79.68 10.34
CA SER B 93 3.36 -80.36 10.16
C SER B 93 2.38 -79.49 9.39
N ASP B 94 1.28 -80.08 8.92
CA ASP B 94 0.25 -79.32 8.23
C ASP B 94 -0.36 -78.23 9.11
N ALA B 95 -0.41 -78.48 10.42
CA ALA B 95 -0.89 -77.48 11.37
C ALA B 95 0.11 -76.34 11.55
N ASP B 96 1.39 -76.67 11.59
CA ASP B 96 2.44 -75.64 11.62
C ASP B 96 2.36 -74.74 10.39
N ALA B 97 2.14 -75.37 9.23
CA ALA B 97 1.97 -74.66 7.97
C ALA B 97 0.76 -73.73 8.03
N ALA B 98 -0.36 -74.25 8.52
CA ALA B 98 -1.60 -73.48 8.68
C ALA B 98 -1.42 -72.29 9.61
N GLU B 99 -0.53 -72.44 10.59
CA GLU B 99 -0.20 -71.37 11.52
C GLU B 99 0.47 -70.20 10.81
N ARG B 100 1.36 -70.51 9.86
CA ARG B 100 2.08 -69.50 9.08
C ARG B 100 1.30 -69.04 7.85
N ARG B 101 0.15 -69.66 7.62
CA ARG B 101 -0.71 -69.40 6.45
C ARG B 101 0.01 -69.81 5.17
N VAL B 102 0.64 -70.98 5.22
CA VAL B 102 1.37 -71.52 4.06
C VAL B 102 0.94 -72.96 3.82
N LEU B 103 1.32 -73.52 2.68
CA LEU B 103 1.01 -74.93 2.40
C LEU B 103 2.01 -75.91 3.01
N GLY B 104 3.27 -75.52 3.07
CA GLY B 104 4.31 -76.40 3.60
C GLY B 104 5.56 -75.60 3.89
N LEU B 105 6.36 -76.09 4.84
CA LEU B 105 7.60 -75.40 5.24
C LEU B 105 8.56 -76.28 6.01
N VAL B 106 9.83 -75.85 6.03
CA VAL B 106 10.82 -76.39 6.94
C VAL B 106 11.30 -75.28 7.86
N LYS B 107 11.71 -75.67 9.06
CA LYS B 107 12.16 -74.73 10.07
C LYS B 107 13.59 -75.06 10.46
N LEU B 108 14.42 -74.03 10.53
CA LEU B 108 15.82 -74.19 10.92
C LEU B 108 16.38 -72.92 11.55
N HIS B 109 17.71 -72.85 11.64
CA HIS B 109 18.38 -71.64 12.12
C HIS B 109 19.54 -71.31 11.20
N ASP B 110 19.82 -70.03 11.07
CA ASP B 110 21.00 -69.62 10.33
C ASP B 110 22.20 -69.67 11.29
N PRO B 111 23.43 -69.48 10.77
CA PRO B 111 24.61 -69.58 11.64
C PRO B 111 24.66 -68.58 12.78
N GLY B 112 23.90 -67.49 12.67
CA GLY B 112 23.78 -66.50 13.73
C GLY B 112 22.72 -66.83 14.75
N GLY B 113 22.00 -67.92 14.54
CA GLY B 113 20.97 -68.37 15.46
C GLY B 113 19.59 -67.77 15.22
N ASN B 114 19.44 -67.10 14.07
CA ASN B 114 18.15 -66.51 13.71
C ASN B 114 17.24 -67.59 13.15
N PRO B 115 16.07 -67.82 13.81
CA PRO B 115 15.11 -68.81 13.31
C PRO B 115 14.75 -68.53 11.87
N THR B 116 14.89 -69.54 11.03
CA THR B 116 14.77 -69.39 9.59
C THR B 116 13.78 -70.41 9.06
N GLU B 117 12.83 -69.94 8.27
CA GLU B 117 11.82 -70.80 7.68
C GLU B 117 11.87 -70.74 6.16
N ILE B 118 11.59 -71.87 5.52
CA ILE B 118 11.49 -71.91 4.07
C ILE B 118 10.16 -72.55 3.74
N PHE B 119 9.35 -71.83 2.98
CA PHE B 119 7.97 -72.21 2.76
C PHE B 119 7.61 -72.05 1.30
N TYR B 120 6.46 -72.62 0.93
CA TYR B 120 5.86 -72.38 -0.37
C TYR B 120 4.35 -72.25 -0.17
N GLY B 121 3.68 -71.61 -1.12
CA GLY B 121 2.23 -71.49 -1.10
C GLY B 121 1.64 -70.63 0.01
N PRO B 122 1.97 -69.32 0.04
CA PRO B 122 1.34 -68.44 1.02
C PRO B 122 -0.16 -68.29 0.76
N GLN B 123 -0.92 -67.97 1.80
CA GLN B 123 -2.33 -67.68 1.65
C GLN B 123 -2.54 -66.29 1.05
N VAL B 124 -3.26 -66.23 -0.06
CA VAL B 124 -3.57 -64.98 -0.73
C VAL B 124 -5.05 -64.65 -0.55
N ASP B 125 -5.34 -63.49 0.03
CA ASP B 125 -6.73 -63.08 0.25
C ASP B 125 -7.21 -62.16 -0.86
N THR B 126 -7.44 -62.75 -2.03
CA THR B 126 -7.77 -62.01 -3.24
C THR B 126 -9.15 -61.34 -3.13
N SER B 127 -10.09 -62.02 -2.48
CA SER B 127 -11.46 -61.54 -2.33
C SER B 127 -11.62 -60.26 -1.50
N SER B 128 -10.63 -59.95 -0.66
CA SER B 128 -10.67 -58.74 0.15
C SER B 128 -9.43 -57.88 -0.13
N PRO B 129 -9.56 -56.89 -1.02
CA PRO B 129 -8.40 -56.15 -1.50
C PRO B 129 -7.67 -55.42 -0.38
N PHE B 130 -6.36 -55.25 -0.56
CA PHE B 130 -5.55 -54.50 0.40
C PHE B 130 -6.20 -53.14 0.65
N HIS B 131 -6.38 -52.82 1.93
CA HIS B 131 -6.92 -51.51 2.33
C HIS B 131 -5.98 -50.84 3.35
N PRO B 132 -5.24 -49.81 2.90
CA PRO B 132 -4.19 -49.23 3.77
C PRO B 132 -4.71 -48.65 5.09
N GLY B 133 -3.85 -48.72 6.12
CA GLY B 133 -4.18 -48.19 7.44
C GLY B 133 -4.26 -46.68 7.51
N ARG B 134 -3.69 -46.00 6.51
CA ARG B 134 -3.89 -44.56 6.33
C ARG B 134 -4.00 -44.27 4.83
N PRO B 135 -4.53 -43.10 4.44
CA PRO B 135 -4.68 -42.89 3.01
C PRO B 135 -3.35 -42.97 2.28
N MET B 136 -3.33 -43.69 1.16
CA MET B 136 -2.11 -43.84 0.38
C MET B 136 -2.29 -43.37 -1.06
N PHE B 137 -1.23 -42.75 -1.57
CA PHE B 137 -1.17 -42.30 -2.95
C PHE B 137 -1.06 -43.49 -3.89
N GLY B 138 -0.34 -44.52 -3.43
CA GLY B 138 -0.06 -45.70 -4.23
C GLY B 138 -0.19 -46.96 -3.40
N LYS B 139 0.85 -47.80 -3.49
CA LYS B 139 0.85 -49.10 -2.84
C LYS B 139 2.27 -49.43 -2.36
N PHE B 140 2.49 -50.66 -1.91
CA PHE B 140 3.83 -51.14 -1.56
C PHE B 140 4.42 -51.88 -2.74
N VAL B 141 5.75 -51.88 -2.83
CA VAL B 141 6.45 -52.71 -3.80
C VAL B 141 6.72 -54.05 -3.13
N THR B 142 6.06 -55.10 -3.60
CA THR B 142 6.21 -56.42 -2.99
C THR B 142 6.23 -57.56 -4.00
N GLU B 143 5.55 -57.36 -5.12
CA GLU B 143 5.31 -58.41 -6.11
C GLU B 143 6.59 -58.99 -6.72
N GLY B 144 6.88 -60.25 -6.39
CA GLY B 144 8.10 -60.90 -6.84
C GLY B 144 9.34 -60.39 -6.12
N GLN B 145 9.12 -59.48 -5.16
CA GLN B 145 10.21 -58.78 -4.50
C GLN B 145 10.24 -58.99 -2.98
N GLY B 146 9.26 -59.74 -2.47
CA GLY B 146 9.14 -59.92 -1.02
C GLY B 146 8.71 -58.64 -0.33
N LEU B 147 8.62 -58.67 1.00
CA LEU B 147 8.06 -57.56 1.78
C LEU B 147 8.98 -56.35 1.87
N GLY B 148 10.27 -56.57 1.61
CA GLY B 148 11.31 -55.56 1.79
C GLY B 148 12.65 -56.22 2.04
N HIS B 149 13.51 -55.54 2.80
CA HIS B 149 14.78 -56.13 3.23
C HIS B 149 15.09 -55.90 4.70
N ILE B 150 15.95 -56.75 5.25
CA ILE B 150 16.27 -56.74 6.68
C ILE B 150 17.77 -56.87 6.92
N ILE B 151 18.25 -56.17 7.94
CA ILE B 151 19.61 -56.36 8.39
C ILE B 151 19.51 -57.11 9.69
N ILE B 152 20.18 -58.25 9.76
CA ILE B 152 20.13 -59.13 10.93
C ILE B 152 21.51 -59.36 11.52
N ARG B 153 21.52 -59.95 12.71
CA ARG B 153 22.74 -60.18 13.47
C ARG B 153 23.43 -61.45 13.02
N GLU B 154 24.71 -61.34 12.71
CA GLU B 154 25.53 -62.49 12.35
C GLU B 154 26.89 -62.41 13.04
N ASP B 155 27.15 -63.33 13.96
CA ASP B 155 28.44 -63.40 14.66
C ASP B 155 29.58 -63.79 13.72
N ASP B 156 29.26 -64.60 12.71
CA ASP B 156 30.22 -65.03 11.70
C ASP B 156 29.66 -64.72 10.31
N VAL B 157 30.17 -63.65 9.71
CA VAL B 157 29.70 -63.15 8.41
C VAL B 157 29.98 -64.15 7.28
N GLU B 158 31.18 -64.73 7.29
CA GLU B 158 31.60 -65.73 6.30
C GLU B 158 30.68 -66.95 6.31
N GLU B 159 30.35 -67.43 7.50
CA GLU B 159 29.43 -68.53 7.72
C GLU B 159 28.04 -68.18 7.18
N ALA B 160 27.59 -66.96 7.50
CA ALA B 160 26.27 -66.45 7.09
C ALA B 160 26.16 -66.35 5.57
N THR B 161 27.23 -65.91 4.93
CA THR B 161 27.27 -65.82 3.48
C THR B 161 27.17 -67.20 2.83
N ARG B 162 27.89 -68.18 3.39
CA ARG B 162 27.86 -69.55 2.87
C ARG B 162 26.48 -70.18 2.97
N PHE B 163 25.84 -69.97 4.12
CA PHE B 163 24.49 -70.46 4.38
C PHE B 163 23.47 -69.83 3.43
N TYR B 164 23.54 -68.51 3.29
CA TYR B 164 22.55 -67.83 2.45
C TYR B 164 22.77 -68.08 0.97
N ARG B 165 24.03 -68.29 0.58
CA ARG B 165 24.34 -68.74 -0.79
C ARG B 165 23.76 -70.11 -1.07
N LEU B 166 23.79 -70.99 -0.07
CA LEU B 166 23.19 -72.31 -0.19
C LEU B 166 21.67 -72.22 -0.40
N LEU B 167 21.03 -71.32 0.33
CA LEU B 167 19.61 -71.01 0.13
C LEU B 167 19.28 -70.43 -1.26
N GLY B 168 20.27 -69.82 -1.90
CA GLY B 168 20.13 -69.38 -3.28
C GLY B 168 20.29 -67.88 -3.49
N LEU B 169 20.45 -67.15 -2.39
CA LEU B 169 20.74 -65.71 -2.47
C LEU B 169 22.16 -65.49 -2.99
N GLU B 170 22.36 -64.33 -3.60
CA GLU B 170 23.65 -63.97 -4.18
C GLU B 170 24.07 -62.63 -3.68
N GLY B 171 25.38 -62.46 -3.49
CA GLY B 171 25.92 -61.18 -3.04
C GLY B 171 27.30 -61.26 -2.43
N ALA B 172 27.73 -60.11 -1.90
CA ALA B 172 29.06 -59.92 -1.37
C ALA B 172 29.11 -58.60 -0.61
N VAL B 173 30.30 -58.20 -0.18
CA VAL B 173 30.50 -56.89 0.47
C VAL B 173 30.20 -55.77 -0.54
N GLU B 174 29.44 -54.77 -0.11
CA GLU B 174 29.13 -53.63 -0.98
C GLU B 174 29.58 -52.29 -0.42
N TYR B 175 30.00 -52.28 0.84
CA TYR B 175 30.47 -51.06 1.50
C TYR B 175 31.77 -51.31 2.24
N LYS B 176 32.68 -50.33 2.14
CA LYS B 176 33.87 -50.27 2.96
C LYS B 176 33.93 -48.90 3.64
N PHE B 177 33.78 -48.90 4.94
CA PHE B 177 33.96 -47.70 5.72
C PHE B 177 34.80 -47.94 6.96
N ALA B 178 35.48 -46.90 7.43
CA ALA B 178 36.34 -46.99 8.58
C ALA B 178 35.57 -47.09 9.86
N VAL B 184 37.04 -52.23 10.47
CA VAL B 184 36.29 -51.81 9.31
C VAL B 184 34.98 -52.55 9.27
N GLY B 185 33.98 -51.90 8.70
CA GLY B 185 32.69 -52.48 8.48
C GLY B 185 32.59 -52.83 7.02
N THR B 186 32.33 -54.07 6.76
CA THR B 186 32.21 -54.56 5.39
C THR B 186 30.90 -55.31 5.25
N PRO B 187 29.77 -54.57 5.31
CA PRO B 187 28.48 -55.23 5.31
C PRO B 187 28.25 -55.96 3.98
N VAL B 188 27.65 -57.13 4.09
CA VAL B 188 27.35 -57.98 2.93
C VAL B 188 25.88 -57.78 2.61
N PHE B 189 25.58 -57.69 1.32
CA PHE B 189 24.21 -57.46 0.85
C PHE B 189 23.84 -58.57 -0.11
N MET B 190 22.66 -59.14 0.06
CA MET B 190 22.26 -60.31 -0.74
C MET B 190 20.85 -60.20 -1.30
N HIS B 191 20.71 -60.71 -2.52
CA HIS B 191 19.45 -60.61 -3.27
C HIS B 191 19.07 -61.97 -3.84
N CYS B 192 17.79 -62.15 -4.14
CA CYS B 192 17.27 -63.38 -4.75
C CYS B 192 16.19 -63.09 -5.78
N ASN B 193 16.06 -61.80 -6.10
CA ASN B 193 15.10 -61.29 -7.10
C ASN B 193 15.45 -59.86 -7.48
N ASP B 194 14.48 -59.16 -8.08
CA ASP B 194 14.67 -57.78 -8.55
C ASP B 194 14.84 -56.73 -7.45
N ARG B 195 14.58 -57.10 -6.19
CA ARG B 195 14.87 -56.17 -5.09
C ARG B 195 16.38 -56.11 -4.94
N HIS B 196 16.92 -54.89 -4.90
CA HIS B 196 18.36 -54.71 -4.86
C HIS B 196 19.01 -55.68 -3.87
N HIS B 197 18.47 -55.70 -2.65
CA HIS B 197 18.81 -56.74 -1.69
C HIS B 197 17.61 -57.08 -0.81
N SER B 198 17.62 -58.30 -0.28
CA SER B 198 16.58 -58.80 0.61
C SER B 198 17.16 -58.90 2.00
N LEU B 199 18.48 -58.97 2.07
CA LEU B 199 19.17 -59.30 3.28
C LEU B 199 20.55 -58.65 3.32
N ALA B 200 20.92 -58.15 4.50
CA ALA B 200 22.28 -57.68 4.75
C ALA B 200 22.73 -58.00 6.18
N PHE B 201 24.03 -58.03 6.39
CA PHE B 201 24.60 -58.33 7.70
C PHE B 201 26.07 -57.94 7.74
N GLY B 202 26.65 -58.00 8.94
CA GLY B 202 28.02 -57.58 9.16
C GLY B 202 28.13 -56.10 9.50
N VAL B 203 27.22 -55.62 10.34
CA VAL B 203 27.17 -54.20 10.69
C VAL B 203 27.81 -53.90 12.07
N GLY B 204 28.31 -54.95 12.72
CA GLY B 204 28.95 -54.83 14.04
C GLY B 204 28.13 -55.49 15.12
N PRO B 205 28.49 -55.26 16.40
CA PRO B 205 27.70 -55.80 17.52
C PRO B 205 26.24 -55.34 17.49
N MET B 206 25.33 -56.26 17.79
CA MET B 206 23.89 -55.98 17.84
C MET B 206 23.26 -56.61 19.06
N ASP B 207 22.51 -55.81 19.83
CA ASP B 207 21.78 -56.32 20.99
C ASP B 207 20.45 -56.99 20.65
N LYS B 208 20.00 -56.81 19.41
CA LYS B 208 18.80 -57.48 18.92
C LYS B 208 19.11 -58.26 17.65
N ARG B 209 18.31 -59.28 17.37
CA ARG B 209 18.45 -60.08 16.15
CA ARG B 209 18.43 -60.08 16.15
C ARG B 209 18.34 -59.24 14.88
N ILE B 210 17.57 -58.16 14.93
CA ILE B 210 17.33 -57.34 13.75
C ILE B 210 17.65 -55.86 13.95
N ASN B 211 18.37 -55.28 12.99
CA ASN B 211 18.64 -53.86 13.02
C ASN B 211 17.50 -53.05 12.40
N HIS B 212 17.15 -53.37 11.17
CA HIS B 212 16.04 -52.69 10.51
C HIS B 212 15.35 -53.52 9.45
N LEU B 213 14.15 -53.06 9.09
CA LEU B 213 13.35 -53.52 7.98
C LEU B 213 13.06 -52.33 7.09
N MET B 214 13.37 -52.47 5.80
CA MET B 214 13.07 -51.46 4.82
C MET B 214 11.77 -51.81 4.13
N ILE B 215 10.86 -50.85 4.04
CA ILE B 215 9.63 -51.03 3.28
C ILE B 215 9.57 -49.98 2.17
N GLU B 216 9.11 -50.39 0.99
CA GLU B 216 9.20 -49.54 -0.19
C GLU B 216 7.82 -49.17 -0.72
N TYR B 217 7.62 -47.86 -0.90
CA TYR B 217 6.43 -47.33 -1.52
C TYR B 217 6.60 -47.28 -3.03
N THR B 218 5.53 -47.56 -3.77
CA THR B 218 5.51 -47.31 -5.21
C THR B 218 5.56 -45.82 -5.52
N HIS B 219 4.99 -45.00 -4.64
CA HIS B 219 4.83 -43.57 -4.88
C HIS B 219 5.63 -42.71 -3.91
N LEU B 220 6.33 -41.71 -4.45
CA LEU B 220 7.18 -40.84 -3.62
C LEU B 220 6.39 -40.05 -2.58
N ASP B 221 5.17 -39.66 -2.94
CA ASP B 221 4.34 -38.89 -2.02
C ASP B 221 3.92 -39.67 -0.77
N ASP B 222 3.86 -40.98 -0.88
CA ASP B 222 3.62 -41.83 0.28
C ASP B 222 4.79 -41.81 1.25
N LEU B 223 6.01 -41.69 0.71
CA LEU B 223 7.20 -41.51 1.55
C LEU B 223 7.19 -40.16 2.28
N GLY B 224 6.83 -39.09 1.56
CA GLY B 224 6.73 -37.75 2.14
C GLY B 224 5.61 -37.65 3.17
N TYR B 225 4.54 -38.41 2.95
CA TYR B 225 3.43 -38.53 3.89
C TYR B 225 3.90 -39.16 5.21
N ALA B 226 4.59 -40.29 5.12
CA ALA B 226 5.10 -41.02 6.28
C ALA B 226 6.19 -40.24 7.00
N HIS B 227 7.09 -39.62 6.24
CA HIS B 227 8.13 -38.77 6.81
C HIS B 227 7.60 -37.62 7.67
N ASP B 228 6.61 -36.88 7.15
CA ASP B 228 6.01 -35.76 7.87
C ASP B 228 5.27 -36.21 9.13
N LEU B 229 4.63 -37.37 9.06
CA LEU B 229 3.96 -37.94 10.22
C LEU B 229 4.93 -38.32 11.35
N VAL B 230 5.99 -39.04 10.99
CA VAL B 230 7.06 -39.42 11.93
C VAL B 230 7.63 -38.19 12.65
N ARG B 231 7.89 -37.13 11.87
CA ARG B 231 8.39 -35.87 12.41
CA ARG B 231 8.39 -35.86 12.41
C ARG B 231 7.39 -35.21 13.36
N GLN B 232 6.12 -35.21 12.97
CA GLN B 232 5.04 -34.61 13.75
C GLN B 232 4.83 -35.30 15.09
N GLN B 233 4.84 -36.62 15.06
CA GLN B 233 4.68 -37.44 16.27
C GLN B 233 5.97 -37.53 17.10
N LYS B 234 7.00 -36.82 16.65
CA LYS B 234 8.31 -36.76 17.30
C LYS B 234 8.96 -38.15 17.51
N ILE B 235 8.72 -39.05 16.57
CA ILE B 235 9.39 -40.35 16.58
C ILE B 235 10.83 -40.15 16.14
N ASP B 236 11.76 -40.77 16.87
CA ASP B 236 13.20 -40.67 16.58
C ASP B 236 13.57 -41.06 15.14
N VAL B 237 14.29 -40.17 14.46
CA VAL B 237 14.88 -40.45 13.15
C VAL B 237 16.39 -40.51 13.35
N THR B 238 16.98 -41.65 13.03
CA THR B 238 18.42 -41.86 13.25
C THR B 238 19.24 -41.46 12.03
N LEU B 239 18.64 -41.59 10.85
CA LEU B 239 19.28 -41.19 9.61
C LEU B 239 18.25 -40.45 8.76
N GLN B 240 18.51 -39.17 8.51
CA GLN B 240 17.61 -38.31 7.73
CA GLN B 240 17.62 -38.31 7.73
C GLN B 240 17.45 -38.84 6.30
N ILE B 241 16.53 -38.25 5.55
CA ILE B 241 16.23 -38.67 4.19
C ILE B 241 17.53 -38.62 3.40
N GLY B 242 17.75 -39.61 2.59
CA GLY B 242 18.96 -39.78 1.85
C GLY B 242 18.98 -40.89 0.85
N LYS B 243 20.10 -41.07 0.20
CA LYS B 243 20.26 -42.16 -0.72
C LYS B 243 21.54 -42.98 -0.48
N HIS B 244 21.43 -44.29 -0.39
CA HIS B 244 22.60 -45.16 -0.39
C HIS B 244 23.09 -45.33 -1.82
N SER B 245 24.40 -45.53 -1.98
CA SER B 245 24.96 -45.70 -3.31
C SER B 245 24.58 -47.04 -3.95
N ASN B 246 24.31 -48.06 -3.13
CA ASN B 246 23.98 -49.37 -3.70
C ASN B 246 22.57 -49.46 -4.28
N ASP B 247 21.54 -49.29 -3.44
CA ASP B 247 20.16 -49.42 -3.91
C ASP B 247 19.66 -48.17 -4.64
N GLU B 248 20.32 -47.04 -4.40
CA GLU B 248 19.94 -45.73 -4.97
C GLU B 248 18.49 -45.37 -4.64
N ALA B 249 18.01 -45.89 -3.52
CA ALA B 249 16.65 -45.64 -3.06
C ALA B 249 16.64 -44.41 -2.18
N LEU B 250 15.56 -43.63 -2.24
CA LEU B 250 15.40 -42.48 -1.36
C LEU B 250 14.72 -42.95 -0.08
N THR B 251 15.43 -42.89 1.06
CA THR B 251 14.92 -43.46 2.32
C THR B 251 15.29 -42.64 3.57
N PHE B 252 14.57 -42.89 4.65
CA PHE B 252 15.01 -42.46 5.99
C PHE B 252 14.89 -43.63 6.97
N TYR B 253 15.52 -43.51 8.13
CA TYR B 253 15.48 -44.57 9.13
C TYR B 253 14.89 -44.04 10.43
N CYS B 254 13.82 -44.66 10.92
CA CYS B 254 13.17 -44.21 12.15
C CYS B 254 12.85 -45.31 13.16
N ALA B 255 12.83 -44.94 14.44
CA ALA B 255 12.47 -45.86 15.51
C ALA B 255 11.05 -46.43 15.31
N ASN B 256 10.89 -47.72 15.61
CA ASN B 256 9.58 -48.36 15.75
C ASN B 256 9.27 -48.66 17.23
N PRO B 257 8.01 -49.07 17.55
CA PRO B 257 7.61 -49.33 18.95
C PRO B 257 8.41 -50.40 19.68
N SER B 258 9.17 -51.20 18.94
CA SER B 258 10.01 -52.24 19.55
C SER B 258 11.47 -51.81 19.81
N GLY B 259 11.80 -50.57 19.47
CA GLY B 259 13.13 -50.00 19.77
C GLY B 259 14.19 -50.24 18.72
N TRP B 260 13.84 -50.95 17.66
CA TRP B 260 14.72 -51.04 16.49
C TRP B 260 14.18 -50.12 15.38
N LEU B 261 14.60 -50.33 14.13
CA LEU B 261 14.32 -49.34 13.09
C LEU B 261 13.47 -49.86 11.93
N TRP B 262 12.60 -49.00 11.41
CA TRP B 262 12.01 -49.22 10.08
C TRP B 262 12.55 -48.16 9.13
N GLU B 263 12.76 -48.55 7.88
CA GLU B 263 13.33 -47.68 6.87
C GLU B 263 12.34 -47.55 5.72
N PRO B 264 11.42 -46.56 5.80
CA PRO B 264 10.52 -46.32 4.67
C PRO B 264 11.31 -45.76 3.50
N GLY B 265 10.98 -46.22 2.29
CA GLY B 265 11.77 -45.86 1.11
C GLY B 265 10.99 -45.81 -0.20
N TRP B 266 11.66 -45.32 -1.24
CA TRP B 266 11.05 -45.17 -2.56
C TRP B 266 12.13 -45.21 -3.62
N GLY B 267 11.83 -45.88 -4.73
CA GLY B 267 12.64 -45.75 -5.94
C GLY B 267 13.92 -46.56 -5.95
N SER B 268 13.88 -47.73 -5.29
CA SER B 268 15.02 -48.63 -5.24
C SER B 268 15.25 -49.33 -6.58
N ARG B 269 16.52 -49.47 -6.97
CA ARG B 269 16.87 -50.08 -8.26
C ARG B 269 17.17 -51.56 -8.12
N PRO B 270 17.17 -52.30 -9.25
CA PRO B 270 17.54 -53.70 -9.11
C PRO B 270 19.03 -53.91 -8.82
N ALA B 271 19.35 -55.08 -8.26
CA ALA B 271 20.72 -55.48 -8.01
C ALA B 271 21.50 -55.47 -9.33
N PRO B 272 22.65 -54.79 -9.36
CA PRO B 272 23.47 -54.83 -10.57
C PRO B 272 23.85 -56.26 -10.91
N ALA B 273 23.96 -56.57 -12.20
CA ALA B 273 24.28 -57.92 -12.65
C ALA B 273 25.62 -58.38 -12.09
N GLN B 274 26.54 -57.43 -11.91
CA GLN B 274 27.86 -57.71 -11.38
CA GLN B 274 27.86 -57.70 -11.38
C GLN B 274 28.12 -56.91 -10.11
N GLN B 275 28.89 -57.50 -9.20
CA GLN B 275 29.19 -56.89 -7.91
C GLN B 275 29.90 -55.54 -8.01
N GLU B 276 29.44 -54.58 -7.21
CA GLU B 276 30.03 -53.25 -7.11
C GLU B 276 30.25 -52.94 -5.63
N HIS B 277 31.21 -52.07 -5.33
CA HIS B 277 31.32 -51.56 -3.97
C HIS B 277 31.50 -50.06 -3.90
N TYR B 278 31.13 -49.50 -2.75
CA TYR B 278 31.06 -48.06 -2.55
C TYR B 278 31.73 -47.67 -1.23
N LEU B 279 32.07 -46.40 -1.11
CA LEU B 279 32.69 -45.89 0.11
C LEU B 279 31.80 -44.93 0.90
N ARG B 280 30.73 -44.46 0.28
CA ARG B 280 29.79 -43.52 0.91
C ARG B 280 28.43 -43.50 0.21
N ASP B 281 27.46 -42.88 0.86
CA ASP B 281 26.11 -42.68 0.31
C ASP B 281 26.12 -41.55 -0.73
N ILE B 282 25.08 -41.49 -1.55
CA ILE B 282 25.01 -40.47 -2.62
C ILE B 282 24.79 -39.06 -2.08
N PHE B 283 23.77 -38.90 -1.24
CA PHE B 283 23.44 -37.62 -0.61
C PHE B 283 22.56 -37.90 0.60
N GLY B 284 22.44 -36.90 1.48
CA GLY B 284 21.59 -37.00 2.67
C GLY B 284 22.06 -38.07 3.64
N HIS B 285 21.09 -38.73 4.27
CA HIS B 285 21.35 -39.76 5.30
C HIS B 285 22.26 -39.22 6.41
N ASP B 286 22.01 -37.97 6.80
CA ASP B 286 22.73 -37.35 7.91
C ASP B 286 22.33 -38.04 9.20
N ASN B 287 23.28 -38.28 10.07
CA ASN B 287 23.05 -38.86 11.39
C ASN B 287 22.25 -37.93 12.26
N GLU B 288 21.24 -38.44 12.93
CA GLU B 288 20.42 -37.63 13.79
C GLU B 288 20.39 -38.16 15.23
N VAL B 289 19.44 -39.02 15.52
CA VAL B 289 19.30 -39.56 16.84
C VAL B 289 20.10 -40.79 16.97
N GLU B 290 21.06 -40.76 17.87
CA GLU B 290 22.02 -41.85 18.02
C GLU B 290 21.47 -43.02 18.83
N GLY B 291 22.19 -44.14 18.79
CA GLY B 291 21.90 -45.29 19.64
C GLY B 291 21.10 -46.41 19.02
N TYR B 292 20.85 -46.34 17.71
CA TYR B 292 20.05 -47.37 17.03
C TYR B 292 20.88 -48.35 16.16
N GLY B 293 22.18 -48.40 16.42
CA GLY B 293 23.05 -49.38 15.78
C GLY B 293 23.47 -49.04 14.36
N LEU B 294 23.20 -47.79 13.95
CA LEU B 294 23.63 -47.28 12.66
C LEU B 294 24.30 -45.92 12.81
N ASP B 295 25.12 -45.78 13.85
CA ASP B 295 25.85 -44.54 14.09
C ASP B 295 27.16 -44.57 13.31
N ILE B 296 27.05 -44.22 12.04
CA ILE B 296 28.13 -44.36 11.07
C ILE B 296 28.17 -43.12 10.17
N PRO B 297 29.34 -42.45 10.08
CA PRO B 297 29.51 -41.37 9.11
C PRO B 297 29.47 -41.89 7.68
N LEU B 298 28.29 -41.79 7.06
CA LEU B 298 28.03 -42.38 5.75
C LEU B 298 28.41 -41.48 4.57
N LYS B 299 28.91 -40.28 4.86
CA LYS B 299 29.38 -39.36 3.82
C LYS B 299 30.77 -38.84 4.15
N MET C 1 20.01 14.25 4.50
CA MET C 1 20.01 15.67 4.02
C MET C 1 18.82 15.99 3.11
N ALA C 2 18.68 15.25 2.00
CA ALA C 2 17.63 15.51 1.01
C ALA C 2 16.23 15.32 1.61
N LYS C 3 15.31 16.22 1.23
CA LYS C 3 13.96 16.24 1.79
C LYS C 3 12.88 16.38 0.73
N VAL C 4 11.68 15.88 1.04
CA VAL C 4 10.50 16.16 0.19
C VAL C 4 10.28 17.67 0.17
N THR C 5 9.91 18.20 -1.00
CA THR C 5 9.82 19.65 -1.21
C THR C 5 8.38 20.18 -1.31
N GLU C 6 7.42 19.28 -1.60
CA GLU C 6 5.99 19.63 -1.71
C GLU C 6 5.11 18.39 -1.89
N LEU C 7 3.82 18.55 -1.56
CA LEU C 7 2.82 17.58 -1.94
C LEU C 7 2.49 17.79 -3.42
N GLY C 8 3.01 16.93 -4.28
CA GLY C 8 2.95 17.15 -5.73
C GLY C 8 1.63 16.76 -6.35
N TYR C 9 1.14 15.56 -6.03
CA TYR C 9 -0.10 15.05 -6.59
C TYR C 9 -0.84 14.10 -5.67
N LEU C 10 -2.09 13.84 -6.00
CA LEU C 10 -2.91 12.82 -5.37
C LEU C 10 -3.57 11.97 -6.45
N GLY C 11 -3.56 10.66 -6.24
CA GLY C 11 -4.37 9.75 -7.03
C GLY C 11 -5.59 9.41 -6.22
N LEU C 12 -6.76 9.46 -6.85
CA LEU C 12 -8.02 9.23 -6.18
C LEU C 12 -8.79 8.11 -6.90
N SER C 13 -9.47 7.28 -6.12
CA SER C 13 -10.41 6.29 -6.66
C SER C 13 -11.80 6.90 -6.57
N VAL C 14 -12.51 6.97 -7.69
CA VAL C 14 -13.84 7.57 -7.73
C VAL C 14 -14.86 6.62 -8.41
N SER C 15 -16.14 6.78 -8.08
CA SER C 15 -17.18 5.95 -8.67
CA SER C 15 -17.21 5.97 -8.65
C SER C 15 -17.94 6.68 -9.78
N ASN C 16 -17.91 8.01 -9.73
CA ASN C 16 -18.58 8.85 -10.70
C ASN C 16 -17.76 9.97 -11.29
N LEU C 17 -17.21 9.74 -12.46
CA LEU C 17 -16.43 10.69 -13.19
C LEU C 17 -17.21 11.94 -13.59
N ASP C 18 -18.45 11.77 -14.02
CA ASP C 18 -19.27 12.88 -14.42
C ASP C 18 -19.52 13.88 -13.29
N ALA C 19 -19.80 13.41 -12.10
CA ALA C 19 -20.06 14.30 -10.96
C ALA C 19 -18.79 15.06 -10.56
N TRP C 20 -17.64 14.37 -10.62
CA TRP C 20 -16.34 14.97 -10.27
C TRP C 20 -15.91 16.08 -11.23
N ARG C 21 -16.14 15.88 -12.52
CA ARG C 21 -15.92 16.95 -13.51
C ARG C 21 -16.77 18.16 -13.14
N ASP C 22 -18.08 17.93 -12.98
CA ASP C 22 -19.03 19.00 -12.60
C ASP C 22 -18.57 19.75 -11.35
N TYR C 23 -18.03 19.00 -10.40
CA TYR C 23 -17.65 19.53 -9.10
C TYR C 23 -16.30 20.23 -9.13
N ALA C 24 -15.26 19.51 -9.54
CA ALA C 24 -13.89 20.04 -9.48
C ALA C 24 -13.61 21.12 -10.52
N ALA C 25 -14.19 20.99 -11.71
CA ALA C 25 -14.04 22.02 -12.74
C ALA C 25 -15.14 23.08 -12.66
N GLY C 26 -16.40 22.64 -12.66
CA GLY C 26 -17.55 23.53 -12.72
C GLY C 26 -17.74 24.43 -11.52
N ILE C 27 -17.35 23.94 -10.35
CA ILE C 27 -17.43 24.75 -9.14
C ILE C 27 -16.06 25.28 -8.73
N MET C 28 -15.09 24.37 -8.59
CA MET C 28 -13.80 24.71 -8.00
C MET C 28 -12.86 25.46 -8.94
N GLY C 29 -13.00 25.23 -10.25
CA GLY C 29 -12.22 25.99 -11.24
C GLY C 29 -11.02 25.22 -11.77
N MET C 30 -10.88 23.97 -11.36
CA MET C 30 -9.81 23.12 -11.90
C MET C 30 -10.05 22.85 -13.38
N GLN C 31 -8.99 22.44 -14.07
CA GLN C 31 -9.08 22.12 -15.48
C GLN C 31 -9.13 20.62 -15.67
N VAL C 32 -10.15 20.15 -16.38
CA VAL C 32 -10.24 18.73 -16.72
C VAL C 32 -9.31 18.44 -17.89
N VAL C 33 -8.50 17.40 -17.72
CA VAL C 33 -7.56 16.94 -18.73
C VAL C 33 -7.84 15.47 -19.06
N ASP C 34 -8.25 15.20 -20.31
CA ASP C 34 -8.56 13.84 -20.76
C ASP C 34 -7.63 13.42 -21.88
N ASP C 35 -6.71 12.52 -21.57
CA ASP C 35 -5.73 12.07 -22.54
C ASP C 35 -6.16 10.81 -23.30
N GLY C 36 -7.43 10.44 -23.13
CA GLY C 36 -8.03 9.34 -23.88
C GLY C 36 -7.81 8.00 -23.23
N GLU C 37 -7.32 8.02 -21.99
CA GLU C 37 -7.19 6.79 -21.22
C GLU C 37 -8.57 6.32 -20.81
N ASP C 38 -8.80 5.04 -21.04
CA ASP C 38 -10.12 4.43 -20.85
C ASP C 38 -10.56 4.38 -19.38
N ASP C 39 -9.63 4.55 -18.46
CA ASP C 39 -9.93 4.34 -17.04
C ASP C 39 -9.68 5.53 -16.12
N ARG C 40 -9.19 6.64 -16.68
CA ARG C 40 -8.80 7.77 -15.85
C ARG C 40 -8.85 9.11 -16.57
N ILE C 41 -9.05 10.17 -15.80
CA ILE C 41 -8.87 11.54 -16.27
C ILE C 41 -8.08 12.30 -15.21
N TYR C 42 -7.79 13.57 -15.48
CA TYR C 42 -6.93 14.35 -14.57
C TYR C 42 -7.54 15.71 -14.25
N LEU C 43 -7.19 16.23 -13.07
CA LEU C 43 -7.57 17.58 -12.72
C LEU C 43 -6.30 18.43 -12.63
N ARG C 44 -6.31 19.54 -13.35
CA ARG C 44 -5.13 20.40 -13.46
C ARG C 44 -5.40 21.70 -12.72
N MET C 45 -4.39 22.20 -11.98
CA MET C 45 -4.55 23.42 -11.18
C MET C 45 -3.58 24.53 -11.60
N ASP C 46 -2.61 24.18 -12.43
CA ASP C 46 -1.53 25.10 -12.79
C ASP C 46 -0.77 24.61 -14.02
N ARG C 47 0.48 25.04 -14.18
CA ARG C 47 1.33 24.65 -15.31
C ARG C 47 1.49 23.13 -15.49
N TRP C 48 1.57 22.40 -14.38
CA TRP C 48 1.75 20.94 -14.39
C TRP C 48 0.65 20.27 -15.20
N HIS C 49 1.00 19.20 -15.91
CA HIS C 49 0.00 18.40 -16.62
C HIS C 49 -1.21 18.16 -15.71
N HIS C 50 -0.94 17.81 -14.44
CA HIS C 50 -2.01 17.56 -13.47
C HIS C 50 -1.53 17.64 -12.01
N ARG C 51 -2.48 17.87 -11.10
CA ARG C 51 -2.21 17.71 -9.67
C ARG C 51 -2.97 16.51 -9.09
N ILE C 52 -4.04 16.10 -9.76
CA ILE C 52 -4.87 15.00 -9.28
C ILE C 52 -5.23 14.07 -10.43
N VAL C 53 -5.13 12.76 -10.15
CA VAL C 53 -5.57 11.72 -11.08
C VAL C 53 -6.83 11.10 -10.52
N LEU C 54 -7.86 11.04 -11.34
CA LEU C 54 -9.11 10.36 -10.95
C LEU C 54 -9.17 9.01 -11.63
N HIS C 55 -9.11 7.95 -10.83
CA HIS C 55 -9.24 6.59 -11.34
C HIS C 55 -10.68 6.14 -11.22
N ALA C 56 -11.34 5.94 -12.36
CA ALA C 56 -12.73 5.48 -12.38
C ALA C 56 -12.78 3.99 -12.12
N ASP C 57 -12.56 3.62 -10.86
CA ASP C 57 -12.49 2.21 -10.47
C ASP C 57 -13.65 1.77 -9.57
N GLY C 58 -14.55 2.69 -9.23
CA GLY C 58 -15.75 2.35 -8.45
C GLY C 58 -15.63 2.53 -6.94
N SER C 59 -14.41 2.70 -6.44
CA SER C 59 -14.17 3.04 -5.04
C SER C 59 -14.31 4.56 -4.87
N ASP C 60 -14.31 5.04 -3.63
CA ASP C 60 -14.39 6.48 -3.37
C ASP C 60 -13.47 6.88 -2.23
N ASP C 61 -12.17 6.87 -2.51
CA ASP C 61 -11.16 7.13 -1.51
C ASP C 61 -9.86 7.57 -2.16
N LEU C 62 -8.87 7.84 -1.32
CA LEU C 62 -7.52 8.14 -1.77
C LEU C 62 -6.88 6.86 -2.31
N ALA C 63 -6.20 6.98 -3.45
CA ALA C 63 -5.45 5.87 -4.06
C ALA C 63 -3.95 5.95 -3.79
N TYR C 64 -3.37 7.15 -3.90
CA TYR C 64 -1.95 7.37 -3.59
C TYR C 64 -1.59 8.85 -3.37
N ILE C 65 -0.53 9.06 -2.58
CA ILE C 65 -0.03 10.39 -2.27
C ILE C 65 1.36 10.59 -2.89
N GLY C 66 1.52 11.60 -3.73
CA GLY C 66 2.82 11.86 -4.35
C GLY C 66 3.57 13.03 -3.74
N TRP C 67 4.74 12.77 -3.14
CA TRP C 67 5.62 13.80 -2.59
C TRP C 67 6.80 14.08 -3.50
N ARG C 68 7.05 15.35 -3.78
CA ARG C 68 8.11 15.74 -4.69
C ARG C 68 9.48 15.95 -4.04
N VAL C 69 10.53 15.53 -4.74
CA VAL C 69 11.90 15.91 -4.40
C VAL C 69 12.50 16.64 -5.59
N ALA C 70 13.60 17.34 -5.35
CA ALA C 70 14.18 18.23 -6.36
C ALA C 70 14.74 17.52 -7.60
N GLY C 71 15.26 16.31 -7.42
CA GLY C 71 15.92 15.61 -8.52
C GLY C 71 16.32 14.19 -8.20
N PRO C 72 16.94 13.50 -9.17
CA PRO C 72 17.32 12.09 -9.04
C PRO C 72 18.32 11.80 -7.92
N VAL C 73 19.24 12.74 -7.66
CA VAL C 73 20.22 12.59 -6.60
C VAL C 73 19.52 12.60 -5.24
N GLU C 74 18.62 13.58 -5.06
CA GLU C 74 17.77 13.69 -3.87
C GLU C 74 16.88 12.45 -3.67
N LEU C 75 16.36 11.88 -4.73
CA LEU C 75 15.56 10.68 -4.63
C LEU C 75 16.38 9.52 -4.13
N ASP C 76 17.56 9.44 -4.69
CA ASP C 76 18.49 8.41 -4.34
C ASP C 76 18.87 8.46 -2.86
N GLU C 77 19.10 9.65 -2.37
CA GLU C 77 19.41 9.82 -0.98
C GLU C 77 18.24 9.44 -0.06
N LEU C 78 17.06 9.85 -0.41
CA LEU C 78 15.86 9.50 0.34
C LEU C 78 15.63 7.99 0.40
N ALA C 79 15.79 7.34 -0.76
CA ALA C 79 15.68 5.88 -0.87
C ALA C 79 16.70 5.20 0.05
N GLU C 80 17.92 5.74 0.07
CA GLU C 80 18.98 5.22 0.94
C GLU C 80 18.59 5.33 2.42
N GLN C 81 17.95 6.44 2.77
CA GLN C 81 17.42 6.67 4.12
C GLN C 81 16.32 5.66 4.48
N LEU C 82 15.46 5.35 3.51
CA LEU C 82 14.42 4.34 3.70
C LEU C 82 15.02 2.96 3.93
N LYS C 83 16.02 2.61 3.13
CA LYS C 83 16.73 1.35 3.24
C LYS C 83 17.45 1.23 4.60
N ASN C 84 18.01 2.33 5.10
CA ASN C 84 18.68 2.36 6.41
C ASN C 84 17.71 2.17 7.57
N ALA C 85 16.50 2.71 7.40
CA ALA C 85 15.44 2.60 8.39
C ALA C 85 14.68 1.28 8.29
N GLY C 86 15.07 0.43 7.34
CA GLY C 86 14.41 -0.85 7.13
C GLY C 86 12.97 -0.68 6.64
N ILE C 87 12.74 0.35 5.84
CA ILE C 87 11.42 0.59 5.27
C ILE C 87 11.41 0.06 3.84
N PRO C 88 10.49 -0.89 3.55
CA PRO C 88 10.43 -1.49 2.22
C PRO C 88 9.91 -0.48 1.21
N PHE C 89 10.51 -0.47 0.02
CA PHE C 89 10.05 0.41 -1.05
C PHE C 89 10.30 -0.20 -2.42
N GLU C 90 9.59 0.34 -3.40
CA GLU C 90 9.66 -0.11 -4.77
C GLU C 90 10.29 1.00 -5.62
N VAL C 91 11.34 0.65 -6.36
CA VAL C 91 11.93 1.60 -7.31
C VAL C 91 11.19 1.42 -8.63
N ALA C 92 10.45 2.44 -9.04
CA ALA C 92 9.63 2.35 -10.23
C ALA C 92 10.47 2.33 -11.50
N SER C 93 9.99 1.60 -12.50
CA SER C 93 10.61 1.60 -13.82
C SER C 93 10.22 2.86 -14.59
N ASP C 94 10.83 3.04 -15.77
CA ASP C 94 10.49 4.16 -16.63
C ASP C 94 9.02 4.15 -17.04
N ALA C 95 8.45 2.95 -17.25
CA ALA C 95 7.02 2.87 -17.55
C ALA C 95 6.11 3.27 -16.38
N ASP C 96 6.53 2.93 -15.16
CA ASP C 96 5.80 3.33 -13.94
C ASP C 96 5.85 4.85 -13.76
N ALA C 97 7.03 5.41 -14.05
CA ALA C 97 7.23 6.86 -13.95
C ALA C 97 6.42 7.57 -15.00
N ALA C 98 6.47 7.09 -16.24
CA ALA C 98 5.65 7.63 -17.32
C ALA C 98 4.16 7.65 -17.00
N GLU C 99 3.68 6.60 -16.33
CA GLU C 99 2.28 6.53 -15.93
C GLU C 99 1.87 7.72 -15.05
N ARG C 100 2.65 7.97 -14.00
CA ARG C 100 2.44 9.09 -13.09
C ARG C 100 2.78 10.45 -13.69
N ARG C 101 3.31 10.43 -14.92
CA ARG C 101 3.85 11.63 -15.62
C ARG C 101 4.99 12.30 -14.86
N VAL C 102 5.97 11.48 -14.46
CA VAL C 102 7.15 11.95 -13.74
C VAL C 102 8.40 11.30 -14.36
N LEU C 103 9.57 11.77 -13.93
CA LEU C 103 10.82 11.20 -14.45
C LEU C 103 11.34 10.02 -13.66
N GLY C 104 11.15 10.05 -12.34
CA GLY C 104 11.61 8.99 -11.45
C GLY C 104 10.69 8.90 -10.26
N LEU C 105 10.61 7.71 -9.68
CA LEU C 105 9.57 7.40 -8.73
C LEU C 105 9.99 6.26 -7.78
N VAL C 106 9.55 6.38 -6.53
CA VAL C 106 9.67 5.34 -5.54
C VAL C 106 8.28 5.13 -4.92
N LYS C 107 7.87 3.87 -4.78
CA LYS C 107 6.58 3.55 -4.19
C LYS C 107 6.72 2.80 -2.87
N LEU C 108 5.94 3.21 -1.87
CA LEU C 108 5.93 2.55 -0.56
C LEU C 108 4.61 2.82 0.16
N HIS C 109 4.57 2.57 1.48
CA HIS C 109 3.40 2.90 2.29
C HIS C 109 3.81 3.59 3.58
N ASP C 110 2.99 4.52 4.04
CA ASP C 110 3.24 5.14 5.34
C ASP C 110 2.80 4.16 6.44
N PRO C 111 2.99 4.52 7.73
CA PRO C 111 2.64 3.56 8.78
C PRO C 111 1.14 3.28 8.90
N GLY C 112 0.32 4.24 8.49
CA GLY C 112 -1.13 4.07 8.46
C GLY C 112 -1.62 3.22 7.30
N GLY C 113 -0.69 2.78 6.46
CA GLY C 113 -1.00 1.96 5.29
C GLY C 113 -1.42 2.76 4.06
N ASN C 114 -1.23 4.07 4.10
CA ASN C 114 -1.54 4.92 2.95
C ASN C 114 -0.47 4.83 1.87
N PRO C 115 -0.85 4.43 0.63
CA PRO C 115 0.16 4.36 -0.42
C PRO C 115 0.84 5.70 -0.64
N THR C 116 2.16 5.69 -0.57
CA THR C 116 2.96 6.90 -0.57
C THR C 116 3.98 6.83 -1.68
N GLU C 117 4.08 7.88 -2.48
CA GLU C 117 5.05 7.92 -3.58
C GLU C 117 5.99 9.11 -3.46
N ILE C 118 7.25 8.90 -3.83
CA ILE C 118 8.25 9.98 -3.84
C ILE C 118 8.86 10.08 -5.24
N PHE C 119 8.82 11.28 -5.81
CA PHE C 119 9.11 11.45 -7.23
C PHE C 119 9.84 12.75 -7.50
N TYR C 120 10.45 12.84 -8.69
CA TYR C 120 11.00 14.09 -9.22
C TYR C 120 10.63 14.24 -10.70
N GLY C 121 10.69 15.47 -11.20
CA GLY C 121 10.46 15.76 -12.62
C GLY C 121 9.02 15.61 -13.08
N PRO C 122 8.11 16.44 -12.55
CA PRO C 122 6.74 16.41 -13.07
C PRO C 122 6.69 16.88 -14.51
N GLN C 123 5.77 16.32 -15.28
CA GLN C 123 5.46 16.80 -16.62
C GLN C 123 4.74 18.14 -16.49
N VAL C 124 5.31 19.16 -17.15
CA VAL C 124 4.73 20.50 -17.15
C VAL C 124 4.29 20.83 -18.58
N ASP C 125 3.03 21.25 -18.71
CA ASP C 125 2.45 21.56 -20.00
C ASP C 125 2.44 23.07 -20.19
N THR C 126 3.64 23.65 -20.27
CA THR C 126 3.81 25.08 -20.40
C THR C 126 3.09 25.59 -21.65
N SER C 127 3.13 24.79 -22.72
CA SER C 127 2.59 25.19 -24.04
C SER C 127 1.07 25.40 -24.10
N SER C 128 0.33 24.78 -23.19
CA SER C 128 -1.11 24.96 -23.16
C SER C 128 -1.47 25.49 -21.78
N PRO C 129 -1.62 26.83 -21.69
CA PRO C 129 -1.75 27.46 -20.38
C PRO C 129 -2.98 26.97 -19.64
N PHE C 130 -2.88 26.95 -18.31
CA PHE C 130 -4.02 26.63 -17.45
C PHE C 130 -5.27 27.40 -17.85
N HIS C 131 -6.35 26.65 -18.05
CA HIS C 131 -7.62 27.21 -18.46
C HIS C 131 -8.67 26.62 -17.52
N PRO C 132 -9.17 27.44 -16.58
CA PRO C 132 -10.07 26.95 -15.53
C PRO C 132 -11.41 26.44 -16.03
N GLY C 133 -11.97 25.46 -15.32
CA GLY C 133 -13.27 24.86 -15.69
C GLY C 133 -14.48 25.75 -15.40
N ARG C 134 -14.22 26.89 -14.78
CA ARG C 134 -15.21 27.95 -14.63
C ARG C 134 -14.44 29.27 -14.55
N PRO C 135 -15.10 30.40 -14.85
CA PRO C 135 -14.37 31.67 -14.89
C PRO C 135 -13.73 31.98 -13.54
N MET C 136 -12.47 32.41 -13.57
CA MET C 136 -11.73 32.65 -12.34
C MET C 136 -11.15 34.04 -12.30
N PHE C 137 -11.25 34.66 -11.13
CA PHE C 137 -10.67 35.98 -10.88
C PHE C 137 -9.14 35.91 -10.85
N GLY C 138 -8.63 34.79 -10.35
CA GLY C 138 -7.21 34.60 -10.14
C GLY C 138 -6.78 33.21 -10.55
N LYS C 139 -5.90 32.62 -9.74
CA LYS C 139 -5.34 31.30 -10.00
C LYS C 139 -5.36 30.46 -8.71
N PHE C 140 -4.74 29.29 -8.72
CA PHE C 140 -4.51 28.54 -7.49
C PHE C 140 -3.12 28.87 -6.96
N VAL C 141 -2.96 28.75 -5.64
CA VAL C 141 -1.66 28.84 -5.00
C VAL C 141 -1.01 27.46 -5.00
N THR C 142 0.04 27.28 -5.80
CA THR C 142 0.70 25.98 -5.86
C THR C 142 2.22 26.05 -5.94
N GLU C 143 2.72 27.08 -6.60
CA GLU C 143 4.14 27.22 -6.93
C GLU C 143 5.06 27.11 -5.72
N GLY C 144 5.80 26.01 -5.65
CA GLY C 144 6.71 25.74 -4.54
C GLY C 144 5.97 25.41 -3.25
N GLN C 145 4.66 25.17 -3.37
CA GLN C 145 3.83 24.86 -2.21
C GLN C 145 2.96 23.62 -2.41
N GLY C 146 3.05 22.97 -3.57
CA GLY C 146 2.24 21.79 -3.85
C GLY C 146 0.76 22.09 -4.03
N LEU C 147 -0.06 21.05 -4.17
CA LEU C 147 -1.47 21.25 -4.51
C LEU C 147 -2.33 21.82 -3.39
N GLY C 148 -1.89 21.65 -2.15
CA GLY C 148 -2.66 22.04 -0.97
C GLY C 148 -2.21 21.19 0.20
N HIS C 149 -3.14 20.84 1.09
CA HIS C 149 -2.84 19.90 2.17
C HIS C 149 -3.94 18.88 2.40
N ILE C 150 -3.60 17.82 3.13
CA ILE C 150 -4.49 16.70 3.36
C ILE C 150 -4.44 16.20 4.80
N ILE C 151 -5.61 15.80 5.31
CA ILE C 151 -5.67 15.05 6.56
C ILE C 151 -5.94 13.58 6.24
N ILE C 152 -5.03 12.72 6.70
CA ILE C 152 -5.09 11.29 6.37
C ILE C 152 -5.10 10.41 7.63
N ARG C 153 -5.55 9.17 7.45
CA ARG C 153 -5.71 8.23 8.55
C ARG C 153 -4.37 7.71 9.06
N GLU C 154 -4.17 7.79 10.37
CA GLU C 154 -3.01 7.20 11.00
C GLU C 154 -3.45 6.49 12.28
N ASP C 155 -3.29 5.17 12.31
CA ASP C 155 -3.58 4.39 13.52
C ASP C 155 -2.50 4.58 14.59
N ASP C 156 -1.31 4.97 14.15
CA ASP C 156 -0.19 5.21 15.05
C ASP C 156 0.38 6.59 14.74
N VAL C 157 -0.05 7.59 15.50
CA VAL C 157 0.39 8.98 15.33
C VAL C 157 1.90 9.14 15.44
N GLU C 158 2.52 8.54 16.46
CA GLU C 158 3.95 8.67 16.66
C GLU C 158 4.80 8.06 15.53
N GLU C 159 4.42 6.85 15.09
CA GLU C 159 5.12 6.20 13.98
C GLU C 159 4.99 7.03 12.70
N ALA C 160 3.78 7.53 12.44
CA ALA C 160 3.51 8.44 11.33
C ALA C 160 4.40 9.69 11.40
N THR C 161 4.54 10.28 12.59
CA THR C 161 5.38 11.46 12.73
C THR C 161 6.84 11.15 12.40
N ARG C 162 7.35 10.05 12.95
CA ARG C 162 8.74 9.61 12.69
C ARG C 162 8.98 9.34 11.20
N PHE C 163 8.03 8.65 10.56
CA PHE C 163 8.09 8.36 9.14
C PHE C 163 8.21 9.65 8.31
N TYR C 164 7.27 10.56 8.52
CA TYR C 164 7.27 11.79 7.76
C TYR C 164 8.46 12.72 8.06
N ARG C 165 9.00 12.65 9.27
CA ARG C 165 10.24 13.39 9.58
C ARG C 165 11.40 12.87 8.73
N LEU C 166 11.45 11.56 8.53
CA LEU C 166 12.47 10.93 7.69
C LEU C 166 12.35 11.44 6.25
N LEU C 167 11.12 11.60 5.78
CA LEU C 167 10.86 12.15 4.45
C LEU C 167 11.32 13.59 4.30
N GLY C 168 11.49 14.27 5.44
CA GLY C 168 11.92 15.66 5.44
C GLY C 168 10.87 16.68 5.84
N LEU C 169 9.65 16.22 6.12
CA LEU C 169 8.65 17.12 6.65
C LEU C 169 8.96 17.46 8.10
N GLU C 170 8.51 18.64 8.53
CA GLU C 170 8.70 19.09 9.89
C GLU C 170 7.37 19.47 10.51
N GLY C 171 7.26 19.25 11.82
CA GLY C 171 6.07 19.67 12.55
C GLY C 171 5.88 18.94 13.86
N ALA C 172 4.67 19.05 14.40
CA ALA C 172 4.32 18.48 15.69
C ALA C 172 2.85 18.78 15.95
N VAL C 173 2.42 18.53 17.18
CA VAL C 173 1.06 18.85 17.62
C VAL C 173 0.80 20.34 17.51
N GLU C 174 -0.34 20.73 16.94
CA GLU C 174 -0.68 22.15 16.86
C GLU C 174 -1.95 22.54 17.60
N TYR C 175 -2.73 21.53 17.98
CA TYR C 175 -3.94 21.79 18.75
C TYR C 175 -4.02 20.83 19.93
N LYS C 176 -4.70 21.26 20.99
CA LYS C 176 -5.14 20.37 22.05
C LYS C 176 -6.65 20.54 22.27
N PHE C 177 -7.41 19.46 22.05
CA PHE C 177 -8.86 19.46 22.26
C PHE C 177 -9.25 18.57 23.42
N ALA C 178 -10.25 18.98 24.18
CA ALA C 178 -10.76 18.16 25.27
C ALA C 178 -11.72 17.10 24.74
N LEU C 179 -11.43 15.84 25.03
CA LEU C 179 -12.28 14.72 24.61
C LEU C 179 -13.24 14.33 25.73
N PRO C 180 -14.34 13.62 25.40
CA PRO C 180 -15.37 13.22 26.37
C PRO C 180 -14.85 12.47 27.61
N ASN C 181 -13.84 11.63 27.45
CA ASN C 181 -13.41 10.77 28.55
C ASN C 181 -12.34 11.40 29.46
N GLY C 182 -12.00 12.66 29.18
CA GLY C 182 -10.94 13.36 29.90
C GLY C 182 -9.59 13.27 29.22
N ALA C 183 -9.54 12.54 28.11
CA ALA C 183 -8.35 12.51 27.25
C ALA C 183 -8.26 13.79 26.42
N VAL C 184 -7.12 13.95 25.74
CA VAL C 184 -6.87 15.12 24.90
C VAL C 184 -6.57 14.69 23.47
N GLY C 185 -7.27 15.27 22.50
CA GLY C 185 -6.96 15.10 21.09
C GLY C 185 -5.83 16.05 20.73
N THR C 186 -4.80 15.54 20.07
CA THR C 186 -3.59 16.31 19.75
C THR C 186 -3.13 16.06 18.31
N PRO C 187 -3.87 16.63 17.33
CA PRO C 187 -3.54 16.49 15.90
C PRO C 187 -2.18 17.06 15.54
N VAL C 188 -1.46 16.35 14.68
CA VAL C 188 -0.13 16.74 14.25
C VAL C 188 -0.20 17.36 12.87
N PHE C 189 0.53 18.45 12.66
CA PHE C 189 0.56 19.14 11.38
C PHE C 189 2.01 19.27 10.94
N MET C 190 2.25 19.05 9.65
CA MET C 190 3.59 19.03 9.12
C MET C 190 3.73 19.78 7.81
N HIS C 191 4.88 20.40 7.62
CA HIS C 191 5.17 21.24 6.46
C HIS C 191 6.55 20.90 5.85
N CYS C 192 6.72 21.22 4.57
CA CYS C 192 8.00 20.99 3.89
C CYS C 192 8.34 22.15 2.96
N ASN C 193 7.58 23.23 3.08
CA ASN C 193 7.76 24.45 2.28
C ASN C 193 6.95 25.59 2.92
N ASP C 194 6.75 26.67 2.16
CA ASP C 194 6.05 27.84 2.67
C ASP C 194 4.56 27.63 2.98
N ARG C 195 3.98 26.52 2.51
CA ARG C 195 2.59 26.23 2.88
C ARG C 195 2.52 25.84 4.34
N HIS C 196 1.64 26.51 5.09
CA HIS C 196 1.58 26.33 6.55
C HIS C 196 1.72 24.86 6.95
N HIS C 197 0.89 24.01 6.34
CA HIS C 197 1.10 22.56 6.37
C HIS C 197 0.67 21.91 5.06
N SER C 198 1.34 20.80 4.75
CA SER C 198 0.99 19.92 3.62
C SER C 198 0.25 18.69 4.10
N LEU C 199 0.35 18.42 5.41
CA LEU C 199 -0.10 17.14 5.96
C LEU C 199 -0.52 17.28 7.41
N ALA C 200 -1.62 16.62 7.76
CA ALA C 200 -2.06 16.53 9.16
C ALA C 200 -2.72 15.16 9.45
N PHE C 201 -2.68 14.76 10.71
CA PHE C 201 -3.27 13.49 11.16
C PHE C 201 -3.44 13.47 12.69
N GLY C 202 -4.06 12.40 13.20
CA GLY C 202 -4.32 12.30 14.64
C GLY C 202 -5.58 13.06 15.05
N VAL C 203 -6.54 13.11 14.13
CA VAL C 203 -7.85 13.71 14.39
C VAL C 203 -8.87 12.66 14.84
N GLY C 204 -8.38 11.46 15.15
CA GLY C 204 -9.22 10.37 15.61
C GLY C 204 -9.76 9.49 14.50
N PRO C 205 -10.67 8.57 14.83
CA PRO C 205 -11.24 7.57 13.91
C PRO C 205 -11.73 8.14 12.58
N MET C 206 -11.41 7.44 11.50
CA MET C 206 -11.78 7.82 10.15
C MET C 206 -12.19 6.57 9.41
N ASP C 207 -13.23 6.65 8.58
CA ASP C 207 -13.68 5.49 7.80
C ASP C 207 -13.09 5.45 6.38
N LYS C 208 -12.39 6.52 6.01
CA LYS C 208 -11.69 6.56 4.72
C LYS C 208 -10.20 6.91 4.95
N ARG C 209 -9.37 6.68 3.94
CA ARG C 209 -7.95 7.03 4.01
C ARG C 209 -7.73 8.53 4.17
N ILE C 210 -8.66 9.31 3.64
CA ILE C 210 -8.53 10.77 3.61
C ILE C 210 -9.76 11.43 4.23
N ASN C 211 -9.53 12.47 5.02
CA ASN C 211 -10.61 13.26 5.58
C ASN C 211 -10.92 14.46 4.71
N HIS C 212 -9.89 15.25 4.40
CA HIS C 212 -10.08 16.38 3.51
C HIS C 212 -8.84 16.74 2.70
N LEU C 213 -9.07 17.52 1.68
CA LEU C 213 -8.09 18.19 0.88
C LEU C 213 -8.42 19.67 0.89
N MET C 214 -7.42 20.47 1.15
CA MET C 214 -7.52 21.91 1.10
C MET C 214 -6.82 22.44 -0.15
N ILE C 215 -7.49 23.29 -0.88
CA ILE C 215 -7.03 23.94 -2.06
C ILE C 215 -7.16 25.47 -1.83
N GLU C 216 -6.21 26.20 -2.38
CA GLU C 216 -6.13 27.62 -2.08
C GLU C 216 -6.21 28.47 -3.34
N TYR C 217 -7.09 29.48 -3.32
CA TYR C 217 -7.15 30.47 -4.39
C TYR C 217 -6.21 31.64 -4.10
N THR C 218 -5.68 32.26 -5.16
CA THR C 218 -4.91 33.50 -5.01
C THR C 218 -5.81 34.68 -4.64
N HIS C 219 -7.04 34.66 -5.15
CA HIS C 219 -7.96 35.77 -5.03
C HIS C 219 -9.17 35.39 -4.18
N LEU C 220 -9.49 36.27 -3.23
CA LEU C 220 -10.62 36.03 -2.33
C LEU C 220 -11.92 35.82 -3.11
N ASP C 221 -12.09 36.56 -4.20
CA ASP C 221 -13.33 36.52 -4.96
C ASP C 221 -13.66 35.16 -5.58
N ASP C 222 -12.62 34.36 -5.81
CA ASP C 222 -12.79 32.98 -6.27
C ASP C 222 -13.31 32.07 -5.18
N LEU C 223 -12.93 32.33 -3.94
CA LEU C 223 -13.49 31.62 -2.79
C LEU C 223 -14.96 31.95 -2.65
N GLY C 224 -15.29 33.23 -2.78
CA GLY C 224 -16.68 33.70 -2.74
C GLY C 224 -17.54 33.08 -3.84
N TYR C 225 -16.97 33.03 -5.04
CA TYR C 225 -17.60 32.39 -6.20
C TYR C 225 -17.89 30.90 -5.94
N ALA C 226 -16.87 30.18 -5.48
CA ALA C 226 -17.01 28.75 -5.16
C ALA C 226 -17.99 28.51 -4.02
N HIS C 227 -17.92 29.35 -2.98
CA HIS C 227 -18.83 29.25 -1.83
C HIS C 227 -20.29 29.47 -2.25
N ASP C 228 -20.51 30.46 -3.11
CA ASP C 228 -21.86 30.76 -3.59
C ASP C 228 -22.45 29.61 -4.40
N LEU C 229 -21.60 28.98 -5.21
CA LEU C 229 -21.98 27.83 -6.01
C LEU C 229 -22.32 26.60 -5.17
N VAL C 230 -21.46 26.26 -4.21
CA VAL C 230 -21.71 25.14 -3.29
C VAL C 230 -23.08 25.27 -2.63
N ARG C 231 -23.36 26.49 -2.16
CA ARG C 231 -24.62 26.81 -1.47
CA ARG C 231 -24.62 26.79 -1.46
C ARG C 231 -25.81 26.72 -2.42
N GLN C 232 -25.63 27.23 -3.64
CA GLN C 232 -26.66 27.17 -4.69
C GLN C 232 -26.95 25.73 -5.11
N GLN C 233 -25.91 24.90 -5.21
CA GLN C 233 -26.07 23.52 -5.67
C GLN C 233 -26.47 22.56 -4.54
N LYS C 234 -26.75 23.14 -3.37
CA LYS C 234 -27.20 22.43 -2.18
C LYS C 234 -26.24 21.32 -1.71
N ILE C 235 -24.95 21.55 -1.93
CA ILE C 235 -23.90 20.62 -1.50
C ILE C 235 -23.60 20.86 -0.01
N ASP C 236 -23.48 19.76 0.75
CA ASP C 236 -23.27 19.81 2.20
C ASP C 236 -22.00 20.57 2.60
N VAL C 237 -22.19 21.54 3.50
CA VAL C 237 -21.09 22.27 4.13
C VAL C 237 -21.02 21.78 5.57
N THR C 238 -19.91 21.13 5.93
CA THR C 238 -19.71 20.60 7.28
C THR C 238 -19.21 21.66 8.27
N LEU C 239 -18.32 22.52 7.79
CA LEU C 239 -17.85 23.66 8.56
C LEU C 239 -18.00 24.92 7.71
N GLN C 240 -18.70 25.91 8.25
CA GLN C 240 -18.90 27.18 7.57
C GLN C 240 -17.59 27.96 7.42
N ILE C 241 -17.62 29.04 6.65
CA ILE C 241 -16.46 29.93 6.50
C ILE C 241 -15.89 30.31 7.87
N GLY C 242 -14.57 30.27 7.98
CA GLY C 242 -13.87 30.71 9.17
C GLY C 242 -12.36 30.64 9.06
N LYS C 243 -11.70 30.66 10.21
CA LYS C 243 -10.24 30.64 10.27
C LYS C 243 -9.73 29.80 11.41
N HIS C 244 -8.87 28.83 11.07
CA HIS C 244 -8.11 28.10 12.06
C HIS C 244 -7.01 29.02 12.61
N SER C 245 -6.61 28.82 13.86
CA SER C 245 -5.55 29.64 14.45
C SER C 245 -4.16 29.30 13.90
N ASN C 246 -4.00 28.10 13.33
CA ASN C 246 -2.69 27.71 12.83
C ASN C 246 -2.33 28.29 11.46
N ASP C 247 -3.13 28.04 10.44
CA ASP C 247 -2.81 28.56 9.10
C ASP C 247 -3.36 29.96 8.87
N GLU C 248 -4.32 30.37 9.71
CA GLU C 248 -4.99 31.68 9.60
C GLU C 248 -5.63 31.91 8.22
N ALA C 249 -5.95 30.81 7.54
CA ALA C 249 -6.57 30.83 6.22
C ALA C 249 -8.09 30.97 6.32
N LEU C 250 -8.69 31.72 5.40
CA LEU C 250 -10.15 31.83 5.33
C LEU C 250 -10.70 30.69 4.49
N THR C 251 -11.40 29.75 5.13
CA THR C 251 -11.81 28.50 4.45
C THR C 251 -13.16 27.98 4.89
N PHE C 252 -13.78 27.15 4.06
CA PHE C 252 -14.92 26.36 4.48
C PHE C 252 -14.69 24.90 4.08
N TYR C 253 -15.46 23.99 4.66
CA TYR C 253 -15.33 22.55 4.38
C TYR C 253 -16.65 22.04 3.82
N CYS C 254 -16.60 21.42 2.63
CA CYS C 254 -17.79 20.93 1.95
C CYS C 254 -17.61 19.53 1.37
N ALA C 255 -18.71 18.83 1.16
CA ALA C 255 -18.69 17.46 0.61
C ALA C 255 -18.26 17.41 -0.85
N ASN C 256 -17.53 16.37 -1.22
CA ASN C 256 -17.24 16.09 -2.62
C ASN C 256 -18.03 14.87 -3.13
N PRO C 257 -17.93 14.53 -4.44
CA PRO C 257 -18.72 13.41 -4.96
C PRO C 257 -18.35 12.04 -4.39
N SER C 258 -17.23 11.95 -3.68
CA SER C 258 -16.80 10.67 -3.09
C SER C 258 -17.17 10.53 -1.61
N GLY C 259 -17.85 11.53 -1.07
CA GLY C 259 -18.34 11.47 0.31
C GLY C 259 -17.37 11.93 1.36
N TRP C 260 -16.20 12.43 0.94
CA TRP C 260 -15.28 13.10 1.86
C TRP C 260 -15.22 14.61 1.56
N LEU C 261 -14.29 15.32 2.18
CA LEU C 261 -14.33 16.79 2.18
C LEU C 261 -13.25 17.49 1.38
N TRP C 262 -13.65 18.55 0.68
CA TRP C 262 -12.70 19.53 0.16
C TRP C 262 -12.85 20.84 0.92
N GLU C 263 -11.73 21.51 1.13
CA GLU C 263 -11.67 22.74 1.89
C GLU C 263 -11.11 23.88 1.04
N PRO C 264 -11.96 24.55 0.25
CA PRO C 264 -11.52 25.71 -0.52
C PRO C 264 -11.11 26.84 0.43
N GLY C 265 -10.01 27.51 0.11
CA GLY C 265 -9.49 28.54 0.99
C GLY C 265 -8.76 29.67 0.32
N TRP C 266 -8.35 30.64 1.12
CA TRP C 266 -7.64 31.84 0.69
C TRP C 266 -6.84 32.44 1.84
N GLY C 267 -5.68 33.00 1.52
CA GLY C 267 -4.89 33.76 2.49
C GLY C 267 -4.16 32.94 3.55
N SER C 268 -3.73 31.74 3.18
CA SER C 268 -2.98 30.90 4.12
CA SER C 268 -2.97 30.88 4.10
C SER C 268 -1.62 31.52 4.42
N ARG C 269 -1.27 31.59 5.70
CA ARG C 269 0.02 32.15 6.11
C ARG C 269 1.10 31.06 6.08
N PRO C 270 2.39 31.46 6.01
CA PRO C 270 3.45 30.45 6.07
C PRO C 270 3.53 29.80 7.45
N ALA C 271 4.07 28.58 7.52
CA ALA C 271 4.32 27.93 8.80
C ALA C 271 5.27 28.78 9.64
N PRO C 272 4.95 28.99 10.94
CA PRO C 272 5.87 29.73 11.81
C PRO C 272 7.20 29.00 11.87
N ALA C 273 8.29 29.76 12.00
CA ALA C 273 9.64 29.21 12.06
C ALA C 273 9.78 28.24 13.22
N GLN C 274 9.03 28.51 14.28
CA GLN C 274 9.10 27.70 15.50
C GLN C 274 7.72 27.20 15.92
N GLN C 275 7.70 26.01 16.51
CA GLN C 275 6.47 25.30 16.83
C GLN C 275 5.57 26.07 17.79
N GLU C 276 4.27 26.11 17.46
CA GLU C 276 3.25 26.78 18.28
C GLU C 276 2.08 25.81 18.44
N HIS C 277 1.28 26.01 19.49
CA HIS C 277 0.01 25.28 19.58
C HIS C 277 -1.16 26.15 20.04
N TYR C 278 -2.38 25.66 19.80
CA TYR C 278 -3.59 26.46 20.01
C TYR C 278 -4.64 25.61 20.70
N LEU C 279 -5.64 26.28 21.28
CA LEU C 279 -6.72 25.54 21.94
C LEU C 279 -8.04 25.68 21.19
N ARG C 280 -8.08 26.62 20.25
CA ARG C 280 -9.28 26.88 19.45
C ARG C 280 -8.97 27.65 18.16
N ASP C 281 -10.00 27.81 17.33
CA ASP C 281 -9.95 28.56 16.06
C ASP C 281 -10.23 30.04 16.31
N ILE C 282 -9.99 30.87 15.30
CA ILE C 282 -10.16 32.33 15.43
C ILE C 282 -11.63 32.75 15.34
N PHE C 283 -12.27 32.47 14.21
CA PHE C 283 -13.70 32.76 14.04
C PHE C 283 -14.35 31.79 13.05
N GLY C 284 -15.69 31.82 12.98
CA GLY C 284 -16.44 30.97 12.06
C GLY C 284 -16.13 29.49 12.23
N HIS C 285 -16.15 28.74 11.13
CA HIS C 285 -15.96 27.29 11.17
C HIS C 285 -16.99 26.62 12.09
N ASP C 286 -18.18 27.20 12.12
CA ASP C 286 -19.29 26.66 12.90
C ASP C 286 -19.73 25.35 12.25
N ASN C 287 -20.04 24.38 13.09
CA ASN C 287 -20.51 23.07 12.63
C ASN C 287 -21.87 23.18 11.96
N GLU C 288 -22.00 22.58 10.79
CA GLU C 288 -23.26 22.55 10.07
C GLU C 288 -23.64 21.08 9.81
N VAL C 289 -23.56 20.63 8.56
CA VAL C 289 -23.92 19.26 8.20
C VAL C 289 -22.94 18.28 8.83
N GLU C 290 -23.45 17.41 9.70
CA GLU C 290 -22.59 16.51 10.48
C GLU C 290 -22.32 15.17 9.81
N GLY C 291 -21.29 14.47 10.28
CA GLY C 291 -21.00 13.11 9.84
C GLY C 291 -19.87 12.95 8.84
N TYR C 292 -19.02 13.97 8.72
CA TYR C 292 -17.87 13.92 7.82
C TYR C 292 -16.53 13.86 8.57
N GLY C 293 -16.61 13.56 9.86
CA GLY C 293 -15.41 13.34 10.69
C GLY C 293 -14.82 14.59 11.30
N LEU C 294 -15.49 15.72 11.19
CA LEU C 294 -15.06 17.00 11.72
C LEU C 294 -16.19 17.61 12.52
N ASP C 295 -16.81 16.81 13.36
CA ASP C 295 -17.93 17.27 14.15
C ASP C 295 -17.50 17.88 15.47
N ILE C 296 -16.20 17.98 15.65
CA ILE C 296 -15.64 18.54 16.84
C ILE C 296 -15.93 20.06 17.03
N PRO C 297 -16.06 20.54 18.25
CA PRO C 297 -16.34 21.97 18.45
C PRO C 297 -15.02 22.71 18.39
N LEU C 298 -14.85 23.52 17.38
CA LEU C 298 -13.55 24.15 17.11
C LEU C 298 -13.27 25.41 17.94
N LYS C 299 -14.31 26.00 18.52
CA LYS C 299 -14.16 27.19 19.35
C LYS C 299 -14.39 26.88 20.83
N ALA D 2 -11.53 74.98 -2.98
CA ALA D 2 -11.47 74.24 -1.69
C ALA D 2 -12.60 73.23 -1.59
N LYS D 3 -12.25 72.02 -1.14
CA LYS D 3 -13.18 70.90 -1.07
C LYS D 3 -13.24 70.33 0.35
N VAL D 4 -14.35 69.67 0.68
CA VAL D 4 -14.37 68.84 1.87
C VAL D 4 -13.41 67.67 1.65
N THR D 5 -12.77 67.25 2.74
CA THR D 5 -11.67 66.29 2.69
C THR D 5 -12.03 64.94 3.29
N GLU D 6 -13.01 64.91 4.20
CA GLU D 6 -13.47 63.68 4.81
C GLU D 6 -14.82 63.84 5.50
N LEU D 7 -15.48 62.71 5.73
CA LEU D 7 -16.64 62.62 6.61
C LEU D 7 -16.11 62.51 8.03
N GLY D 8 -15.99 63.65 8.72
CA GLY D 8 -15.26 63.72 9.98
C GLY D 8 -15.96 63.10 11.18
N TYR D 9 -17.23 63.43 11.37
CA TYR D 9 -18.02 62.91 12.49
C TYR D 9 -19.51 62.77 12.16
N LEU D 10 -20.21 62.00 12.97
CA LEU D 10 -21.67 61.96 12.93
C LEU D 10 -22.22 62.24 14.31
N GLY D 11 -23.37 62.90 14.34
CA GLY D 11 -24.15 63.03 15.55
C GLY D 11 -25.38 62.18 15.40
N LEU D 12 -25.67 61.40 16.44
CA LEU D 12 -26.81 60.51 16.41
C LEU D 12 -27.72 60.78 17.60
N SER D 13 -29.01 60.81 17.31
CA SER D 13 -30.02 60.87 18.36
CA SER D 13 -30.02 60.86 18.37
C SER D 13 -30.42 59.44 18.72
N VAL D 14 -30.26 59.07 19.99
CA VAL D 14 -30.52 57.70 20.44
C VAL D 14 -31.44 57.65 21.68
N SER D 15 -32.19 56.56 21.81
CA SER D 15 -33.11 56.38 22.93
CA SER D 15 -33.13 56.36 22.92
C SER D 15 -32.48 55.64 24.10
N ASN D 16 -31.45 54.85 23.81
CA ASN D 16 -30.86 53.98 24.83
C ASN D 16 -29.33 54.01 24.77
N LEU D 17 -28.72 54.83 25.62
CA LEU D 17 -27.26 54.97 25.66
C LEU D 17 -26.55 53.67 26.03
N ASP D 18 -27.05 53.00 27.07
CA ASP D 18 -26.45 51.75 27.56
C ASP D 18 -26.40 50.66 26.49
N ALA D 19 -27.46 50.56 25.70
CA ALA D 19 -27.53 49.58 24.61
C ALA D 19 -26.53 49.92 23.51
N TRP D 20 -26.30 51.21 23.30
CA TRP D 20 -25.30 51.68 22.35
C TRP D 20 -23.86 51.41 22.82
N ARG D 21 -23.62 51.56 24.13
CA ARG D 21 -22.31 51.20 24.68
C ARG D 21 -22.03 49.71 24.47
N ASP D 22 -22.98 48.85 24.86
CA ASP D 22 -22.87 47.40 24.65
C ASP D 22 -22.60 47.04 23.18
N TYR D 23 -23.23 47.79 22.27
CA TYR D 23 -23.16 47.49 20.85
C TYR D 23 -21.91 48.05 20.18
N ALA D 24 -21.71 49.36 20.29
CA ALA D 24 -20.61 50.03 19.61
C ALA D 24 -19.25 49.73 20.24
N ALA D 25 -19.21 49.69 21.58
CA ALA D 25 -17.98 49.31 22.27
C ALA D 25 -17.86 47.79 22.36
N GLY D 26 -18.82 47.16 23.02
CA GLY D 26 -18.76 45.74 23.35
C GLY D 26 -18.59 44.79 22.18
N ILE D 27 -19.19 45.13 21.05
CA ILE D 27 -19.14 44.29 19.85
C ILE D 27 -18.18 44.84 18.79
N MET D 28 -18.40 46.10 18.40
CA MET D 28 -17.68 46.70 17.29
C MET D 28 -16.24 47.10 17.62
N GLY D 29 -15.97 47.34 18.90
CA GLY D 29 -14.62 47.72 19.34
C GLY D 29 -14.34 49.21 19.46
N MET D 30 -15.38 50.04 19.31
CA MET D 30 -15.20 51.48 19.54
C MET D 30 -14.91 51.77 21.01
N GLN D 31 -14.36 52.96 21.29
CA GLN D 31 -14.09 53.37 22.67
C GLN D 31 -15.12 54.37 23.16
N VAL D 32 -15.76 54.08 24.29
CA VAL D 32 -16.73 55.01 24.88
C VAL D 32 -16.00 56.12 25.63
N VAL D 33 -16.36 57.36 25.32
CA VAL D 33 -15.79 58.53 25.98
C VAL D 33 -16.90 59.35 26.62
N ASP D 34 -16.78 59.58 27.92
CA ASP D 34 -17.81 60.29 28.70
C ASP D 34 -17.14 61.42 29.46
N ASP D 35 -17.44 62.65 29.04
CA ASP D 35 -16.79 63.84 29.59
C ASP D 35 -17.67 64.57 30.61
N GLY D 36 -18.72 63.90 31.08
CA GLY D 36 -19.55 64.42 32.16
C GLY D 36 -20.73 65.25 31.71
N GLU D 37 -20.91 65.39 30.40
CA GLU D 37 -22.08 66.08 29.87
C GLU D 37 -23.33 65.23 30.14
N ASP D 38 -24.39 65.88 30.61
CA ASP D 38 -25.57 65.16 31.09
C ASP D 38 -26.44 64.56 29.98
N ASP D 39 -26.18 64.95 28.73
CA ASP D 39 -27.09 64.64 27.62
C ASP D 39 -26.41 63.92 26.44
N ARG D 40 -25.12 63.61 26.57
CA ARG D 40 -24.38 62.98 25.48
C ARG D 40 -23.17 62.18 25.95
N ILE D 41 -22.80 61.19 25.13
CA ILE D 41 -21.50 60.51 25.24
C ILE D 41 -20.92 60.40 23.82
N TYR D 42 -19.70 59.87 23.74
CA TYR D 42 -18.96 59.86 22.49
C TYR D 42 -18.41 58.47 22.17
N LEU D 43 -18.39 58.15 20.89
CA LEU D 43 -17.74 56.94 20.39
C LEU D 43 -16.47 57.32 19.62
N ARG D 44 -15.36 56.77 20.08
CA ARG D 44 -14.04 57.05 19.52
C ARG D 44 -13.51 55.87 18.71
N MET D 45 -12.86 56.16 17.59
CA MET D 45 -12.35 55.11 16.68
C MET D 45 -10.85 55.22 16.40
N ASP D 46 -10.25 56.34 16.79
CA ASP D 46 -8.85 56.65 16.49
C ASP D 46 -8.35 57.79 17.39
N ARG D 47 -7.29 58.47 16.96
CA ARG D 47 -6.68 59.58 17.71
C ARG D 47 -7.66 60.69 18.08
N TRP D 48 -8.62 60.97 17.19
CA TRP D 48 -9.60 62.05 17.41
C TRP D 48 -10.34 61.83 18.71
N HIS D 49 -10.66 62.92 19.41
CA HIS D 49 -11.48 62.82 20.61
C HIS D 49 -12.69 61.91 20.39
N HIS D 50 -13.33 62.04 19.24
CA HIS D 50 -14.48 61.21 18.85
C HIS D 50 -14.72 61.20 17.35
N ARG D 51 -15.43 60.18 16.87
CA ARG D 51 -15.97 60.19 15.51
C ARG D 51 -17.49 60.25 15.53
N ILE D 52 -18.11 59.81 16.63
CA ILE D 52 -19.58 59.79 16.74
C ILE D 52 -20.00 60.40 18.07
N VAL D 53 -21.03 61.25 18.03
CA VAL D 53 -21.67 61.79 19.24
C VAL D 53 -23.05 61.17 19.43
N LEU D 54 -23.29 60.60 20.61
CA LEU D 54 -24.58 60.02 20.95
C LEU D 54 -25.33 60.95 21.89
N HIS D 55 -26.41 61.53 21.38
CA HIS D 55 -27.23 62.45 22.15
C HIS D 55 -28.36 61.68 22.80
N ALA D 56 -28.38 61.70 24.13
CA ALA D 56 -29.43 61.09 24.92
C ALA D 56 -30.70 61.91 24.74
N ASP D 57 -31.43 61.57 23.69
CA ASP D 57 -32.48 62.44 23.19
C ASP D 57 -33.81 61.72 23.18
N GLY D 58 -33.78 60.40 23.05
CA GLY D 58 -35.01 59.60 23.01
C GLY D 58 -35.49 59.35 21.59
N SER D 59 -34.82 59.97 20.62
CA SER D 59 -35.07 59.71 19.20
C SER D 59 -34.11 58.63 18.73
N ASP D 60 -34.25 58.16 17.49
CA ASP D 60 -33.39 57.08 16.99
C ASP D 60 -33.05 57.27 15.51
N ASP D 61 -32.41 58.39 15.19
CA ASP D 61 -32.05 58.69 13.81
C ASP D 61 -30.75 59.48 13.77
N LEU D 62 -30.33 59.83 12.56
CA LEU D 62 -29.23 60.75 12.34
C LEU D 62 -29.62 62.14 12.83
N ALA D 63 -28.66 62.84 13.45
CA ALA D 63 -28.88 64.19 13.94
C ALA D 63 -28.12 65.21 13.10
N TYR D 64 -26.84 64.93 12.82
CA TYR D 64 -26.02 65.81 11.96
C TYR D 64 -24.83 65.10 11.34
N ILE D 65 -24.41 65.60 10.17
CA ILE D 65 -23.29 65.06 9.41
C ILE D 65 -22.18 66.12 9.36
N GLY D 66 -20.99 65.75 9.82
CA GLY D 66 -19.88 66.70 9.88
C GLY D 66 -18.84 66.44 8.80
N TRP D 67 -18.71 67.39 7.87
CA TRP D 67 -17.70 67.33 6.81
C TRP D 67 -16.49 68.22 7.11
N ARG D 68 -15.30 67.65 6.95
CA ARG D 68 -14.06 68.33 7.32
C ARG D 68 -13.51 69.13 6.15
N VAL D 69 -12.91 70.26 6.45
CA VAL D 69 -12.06 70.97 5.50
C VAL D 69 -10.69 71.15 6.15
N ALA D 70 -9.71 71.57 5.34
CA ALA D 70 -8.31 71.63 5.76
C ALA D 70 -8.05 72.68 6.83
N GLY D 71 -8.67 73.86 6.67
CA GLY D 71 -8.44 74.96 7.60
C GLY D 71 -9.42 76.11 7.41
N PRO D 72 -9.16 77.23 8.09
CA PRO D 72 -10.08 78.37 8.14
C PRO D 72 -10.26 79.05 6.79
N VAL D 73 -9.17 79.11 6.02
CA VAL D 73 -9.20 79.70 4.67
C VAL D 73 -10.12 78.90 3.75
N GLU D 74 -9.97 77.58 3.81
CA GLU D 74 -10.78 76.66 3.01
C GLU D 74 -12.24 76.70 3.43
N LEU D 75 -12.50 76.82 4.73
CA LEU D 75 -13.85 76.94 5.24
C LEU D 75 -14.53 78.20 4.68
N ASP D 76 -13.80 79.32 4.71
CA ASP D 76 -14.29 80.59 4.20
CA ASP D 76 -14.29 80.59 4.20
C ASP D 76 -14.56 80.53 2.69
N GLU D 77 -13.70 79.82 1.96
CA GLU D 77 -13.87 79.65 0.52
C GLU D 77 -15.11 78.83 0.17
N LEU D 78 -15.33 77.76 0.93
CA LEU D 78 -16.53 76.94 0.78
C LEU D 78 -17.77 77.75 1.13
N ALA D 79 -17.70 78.50 2.24
CA ALA D 79 -18.79 79.37 2.66
C ALA D 79 -19.09 80.44 1.61
N GLU D 80 -18.05 80.98 0.98
CA GLU D 80 -18.22 81.94 -0.10
C GLU D 80 -18.92 81.31 -1.31
N GLN D 81 -18.57 80.05 -1.59
CA GLN D 81 -19.22 79.28 -2.65
C GLN D 81 -20.70 79.05 -2.35
N LEU D 82 -21.01 78.75 -1.09
CA LEU D 82 -22.38 78.52 -0.65
C LEU D 82 -23.22 79.78 -0.85
N LYS D 83 -22.65 80.93 -0.45
CA LYS D 83 -23.29 82.22 -0.62
C LYS D 83 -23.53 82.50 -2.10
N ASN D 84 -22.50 82.26 -2.93
CA ASN D 84 -22.61 82.42 -4.38
C ASN D 84 -23.78 81.63 -4.99
N ALA D 85 -23.90 80.35 -4.62
CA ALA D 85 -24.96 79.48 -5.10
C ALA D 85 -26.33 79.76 -4.45
N GLY D 86 -26.33 80.58 -3.39
CA GLY D 86 -27.57 80.99 -2.73
C GLY D 86 -28.09 80.01 -1.71
N ILE D 87 -27.20 79.13 -1.24
CA ILE D 87 -27.56 78.17 -0.19
C ILE D 87 -27.40 78.76 1.20
N PRO D 88 -28.48 78.76 2.00
CA PRO D 88 -28.46 79.28 3.35
C PRO D 88 -27.47 78.55 4.24
N PHE D 89 -26.72 79.30 5.05
CA PHE D 89 -25.79 78.72 6.01
C PHE D 89 -25.60 79.66 7.19
N GLU D 90 -25.14 79.08 8.31
CA GLU D 90 -24.85 79.83 9.51
C GLU D 90 -23.38 79.66 9.86
N VAL D 91 -22.69 80.77 10.11
CA VAL D 91 -21.36 80.71 10.70
C VAL D 91 -21.56 80.60 12.21
N ALA D 92 -21.21 79.42 12.75
CA ALA D 92 -21.43 79.10 14.15
C ALA D 92 -20.50 79.89 15.06
N SER D 93 -20.97 80.13 16.29
CA SER D 93 -20.18 80.83 17.28
C SER D 93 -19.00 79.96 17.75
N ASP D 94 -18.02 80.61 18.37
CA ASP D 94 -16.92 79.91 19.04
C ASP D 94 -17.41 78.84 20.00
N ALA D 95 -18.43 79.15 20.79
CA ALA D 95 -19.01 78.20 21.75
C ALA D 95 -19.76 77.04 21.08
N ASP D 96 -20.32 77.29 19.89
CA ASP D 96 -20.91 76.20 19.11
C ASP D 96 -19.82 75.33 18.51
N ALA D 97 -18.75 75.97 18.03
CA ALA D 97 -17.59 75.26 17.50
C ALA D 97 -16.97 74.42 18.62
N ALA D 98 -16.82 75.02 19.80
CA ALA D 98 -16.28 74.32 20.97
C ALA D 98 -17.12 73.12 21.40
N GLU D 99 -18.45 73.24 21.32
CA GLU D 99 -19.37 72.11 21.59
C GLU D 99 -19.05 70.88 20.71
N ARG D 100 -18.82 71.10 19.41
CA ARG D 100 -18.54 69.99 18.49
C ARG D 100 -17.07 69.57 18.54
N ARG D 101 -16.30 70.19 19.44
CA ARG D 101 -14.86 69.94 19.59
C ARG D 101 -14.09 70.26 18.31
N VAL D 102 -14.42 71.41 17.73
CA VAL D 102 -13.76 71.91 16.54
C VAL D 102 -13.40 73.38 16.71
N LEU D 103 -12.50 73.87 15.85
CA LEU D 103 -12.05 75.25 15.93
C LEU D 103 -12.96 76.20 15.17
N GLY D 104 -13.54 75.72 14.07
CA GLY D 104 -14.42 76.54 13.23
C GLY D 104 -15.52 75.70 12.61
N LEU D 105 -16.71 76.28 12.50
CA LEU D 105 -17.90 75.52 12.12
C LEU D 105 -18.88 76.36 11.30
N VAL D 106 -19.43 75.72 10.26
CA VAL D 106 -20.49 76.28 9.45
C VAL D 106 -21.64 75.27 9.51
N LYS D 107 -22.86 75.73 9.80
CA LYS D 107 -24.03 74.86 9.87
C LYS D 107 -25.03 75.18 8.78
N LEU D 108 -25.50 74.14 8.10
CA LEU D 108 -26.47 74.27 7.01
C LEU D 108 -27.31 73.00 6.88
N HIS D 109 -27.96 72.82 5.72
CA HIS D 109 -28.69 71.59 5.42
C HIS D 109 -28.51 71.21 3.97
N ASP D 110 -28.60 69.91 3.68
CA ASP D 110 -28.56 69.43 2.30
C ASP D 110 -29.97 69.51 1.69
N PRO D 111 -30.10 69.29 0.36
CA PRO D 111 -31.42 69.47 -0.24
C PRO D 111 -32.52 68.56 0.30
N GLY D 112 -32.13 67.43 0.90
CA GLY D 112 -33.07 66.52 1.57
C GLY D 112 -33.37 66.90 3.02
N GLY D 113 -32.87 68.06 3.43
CA GLY D 113 -33.14 68.60 4.76
C GLY D 113 -32.30 67.99 5.87
N ASN D 114 -31.29 67.21 5.51
CA ASN D 114 -30.40 66.59 6.48
C ASN D 114 -29.40 67.62 7.01
N PRO D 115 -29.34 67.75 8.36
CA PRO D 115 -28.43 68.68 9.01
C PRO D 115 -26.97 68.39 8.66
N THR D 116 -26.30 69.42 8.14
CA THR D 116 -24.98 69.29 7.54
C THR D 116 -24.08 70.40 8.08
N GLU D 117 -22.91 70.00 8.57
CA GLU D 117 -21.95 70.91 9.14
C GLU D 117 -20.62 70.79 8.44
N ILE D 118 -19.92 71.90 8.31
CA ILE D 118 -18.60 71.92 7.71
C ILE D 118 -17.65 72.52 8.76
N PHE D 119 -16.50 71.88 8.96
CA PHE D 119 -15.62 72.26 10.05
C PHE D 119 -14.15 72.07 9.71
N TYR D 120 -13.29 72.70 10.50
CA TYR D 120 -11.87 72.38 10.49
C TYR D 120 -11.39 72.30 11.94
N GLY D 121 -10.25 71.66 12.13
CA GLY D 121 -9.60 71.59 13.43
C GLY D 121 -10.27 70.76 14.49
N PRO D 122 -10.45 69.44 14.26
CA PRO D 122 -11.04 68.59 15.28
C PRO D 122 -10.09 68.43 16.45
N GLN D 123 -10.65 68.17 17.63
CA GLN D 123 -9.87 67.89 18.82
C GLN D 123 -9.22 66.52 18.69
N VAL D 124 -7.90 66.48 18.85
CA VAL D 124 -7.16 65.23 18.77
C VAL D 124 -6.56 64.91 20.13
N ASP D 125 -6.85 63.72 20.65
CA ASP D 125 -6.38 63.30 21.97
C ASP D 125 -5.20 62.34 21.87
N THR D 126 -4.09 62.82 21.32
CA THR D 126 -2.88 62.03 21.14
C THR D 126 -2.37 61.40 22.44
N SER D 127 -2.48 62.13 23.55
CA SER D 127 -1.92 61.72 24.85
C SER D 127 -2.62 60.53 25.50
N SER D 128 -3.86 60.28 25.08
CA SER D 128 -4.61 59.12 25.54
C SER D 128 -4.89 58.18 24.37
N PRO D 129 -4.04 57.15 24.21
CA PRO D 129 -4.14 56.30 23.02
C PRO D 129 -5.49 55.63 22.89
N PHE D 130 -5.91 55.42 21.66
CA PHE D 130 -7.15 54.69 21.40
C PHE D 130 -7.10 53.35 22.14
N HIS D 131 -8.14 53.08 22.92
CA HIS D 131 -8.28 51.83 23.68
C HIS D 131 -9.65 51.21 23.39
N PRO D 132 -9.68 50.11 22.61
CA PRO D 132 -10.94 49.56 22.09
C PRO D 132 -11.88 48.96 23.15
N GLY D 133 -13.19 48.99 22.86
CA GLY D 133 -14.23 48.53 23.80
C GLY D 133 -14.27 47.03 24.00
N ARG D 134 -13.64 46.31 23.08
CA ARG D 134 -13.38 44.89 23.20
C ARG D 134 -12.02 44.65 22.56
N PRO D 135 -11.39 43.48 22.80
CA PRO D 135 -10.06 43.21 22.24
C PRO D 135 -10.03 43.30 20.73
N MET D 136 -9.00 43.94 20.19
CA MET D 136 -8.89 44.11 18.75
C MET D 136 -7.55 43.62 18.23
N PHE D 137 -7.60 42.89 17.13
CA PHE D 137 -6.42 42.46 16.38
C PHE D 137 -5.69 43.66 15.77
N GLY D 138 -6.47 44.63 15.30
CA GLY D 138 -5.94 45.82 14.64
C GLY D 138 -6.65 47.09 15.07
N LYS D 139 -6.99 47.92 14.10
CA LYS D 139 -7.56 49.24 14.33
C LYS D 139 -8.68 49.53 13.32
N PHE D 140 -9.18 50.77 13.32
CA PHE D 140 -10.13 51.22 12.30
C PHE D 140 -9.41 51.93 11.16
N VAL D 141 -9.97 51.84 9.96
CA VAL D 141 -9.45 52.62 8.84
C VAL D 141 -10.15 53.98 8.91
N THR D 142 -9.38 55.02 9.23
CA THR D 142 -9.90 56.39 9.36
C THR D 142 -8.95 57.47 8.84
N GLU D 143 -7.64 57.26 8.99
CA GLU D 143 -6.65 58.27 8.62
C GLU D 143 -6.81 58.78 7.18
N GLY D 144 -7.23 60.04 7.06
CA GLY D 144 -7.44 60.70 5.77
C GLY D 144 -8.63 60.17 4.99
N GLN D 145 -9.46 59.35 5.64
CA GLN D 145 -10.61 58.71 5.00
C GLN D 145 -11.93 58.92 5.76
N GLY D 146 -11.87 59.62 6.89
CA GLY D 146 -13.07 59.82 7.69
C GLY D 146 -13.49 58.55 8.42
N LEU D 147 -14.61 58.61 9.12
CA LEU D 147 -15.02 57.53 10.00
C LEU D 147 -15.59 56.31 9.26
N GLY D 148 -16.02 56.52 8.03
CA GLY D 148 -16.67 55.48 7.23
C GLY D 148 -17.53 56.10 6.16
N HIS D 149 -18.59 55.40 5.76
CA HIS D 149 -19.58 55.98 4.84
C HIS D 149 -21.02 55.75 5.27
N ILE D 150 -21.90 56.60 4.75
CA ILE D 150 -23.31 56.59 5.11
C ILE D 150 -24.19 56.64 3.86
N ILE D 151 -25.33 55.95 3.94
CA ILE D 151 -26.40 56.15 2.97
C ILE D 151 -27.48 56.97 3.66
N ILE D 152 -27.85 58.10 3.05
CA ILE D 152 -28.86 59.00 3.62
C ILE D 152 -30.03 59.27 2.69
N ARG D 153 -31.10 59.84 3.25
CA ARG D 153 -32.33 60.08 2.53
C ARG D 153 -32.27 61.32 1.63
N GLU D 154 -32.60 61.16 0.35
CA GLU D 154 -32.70 62.28 -0.56
C GLU D 154 -33.97 62.18 -1.38
N ASP D 155 -34.83 63.19 -1.25
CA ASP D 155 -36.04 63.27 -2.05
C ASP D 155 -35.75 63.71 -3.49
N ASP D 156 -34.73 64.56 -3.66
CA ASP D 156 -34.29 64.99 -4.99
C ASP D 156 -32.84 64.57 -5.20
N VAL D 157 -32.65 63.42 -5.84
CA VAL D 157 -31.32 62.86 -6.07
C VAL D 157 -30.42 63.80 -6.85
N GLU D 158 -30.98 64.46 -7.88
CA GLU D 158 -30.19 65.33 -8.73
C GLU D 158 -29.73 66.61 -8.02
N GLU D 159 -30.62 67.21 -7.24
CA GLU D 159 -30.26 68.34 -6.39
C GLU D 159 -29.19 67.98 -5.34
N ALA D 160 -29.33 66.80 -4.75
CA ALA D 160 -28.35 66.32 -3.74
C ALA D 160 -26.99 66.11 -4.39
N THR D 161 -26.98 65.55 -5.60
CA THR D 161 -25.73 65.34 -6.32
C THR D 161 -25.04 66.68 -6.60
N ARG D 162 -25.81 67.65 -7.10
CA ARG D 162 -25.27 68.99 -7.36
C ARG D 162 -24.74 69.66 -6.09
N PHE D 163 -25.50 69.53 -5.00
CA PHE D 163 -25.10 70.11 -3.71
C PHE D 163 -23.76 69.58 -3.23
N TYR D 164 -23.61 68.25 -3.25
CA TYR D 164 -22.39 67.65 -2.73
C TYR D 164 -21.17 67.88 -3.64
N ARG D 165 -21.40 68.01 -4.95
CA ARG D 165 -20.36 68.42 -5.89
C ARG D 165 -19.82 69.80 -5.55
N LEU D 166 -20.72 70.68 -5.13
CA LEU D 166 -20.32 72.01 -4.68
C LEU D 166 -19.43 71.95 -3.43
N LEU D 167 -19.75 71.03 -2.52
CA LEU D 167 -18.90 70.78 -1.34
C LEU D 167 -17.57 70.10 -1.68
N GLY D 168 -17.48 69.53 -2.88
CA GLY D 168 -16.23 68.97 -3.37
C GLY D 168 -16.22 67.47 -3.50
N LEU D 169 -17.32 66.82 -3.13
CA LEU D 169 -17.46 65.39 -3.36
C LEU D 169 -17.60 65.10 -4.87
N GLU D 170 -17.18 63.92 -5.29
CA GLU D 170 -17.20 63.56 -6.69
C GLU D 170 -17.81 62.18 -6.83
N GLY D 171 -18.63 61.99 -7.86
CA GLY D 171 -19.27 60.71 -8.08
C GLY D 171 -20.48 60.80 -8.99
N ALA D 172 -21.15 59.68 -9.16
CA ALA D 172 -22.35 59.56 -9.99
C ALA D 172 -23.08 58.27 -9.62
N VAL D 173 -24.09 57.90 -10.43
CA VAL D 173 -24.73 56.60 -10.31
C VAL D 173 -23.67 55.50 -10.49
N GLU D 174 -23.67 54.51 -9.60
CA GLU D 174 -22.73 53.40 -9.72
C GLU D 174 -23.40 52.04 -9.93
N TYR D 175 -24.72 52.03 -9.85
CA TYR D 175 -25.50 50.80 -10.01
C TYR D 175 -26.81 51.04 -10.78
N LYS D 176 -27.23 50.06 -11.54
CA LYS D 176 -28.53 50.04 -12.15
C LYS D 176 -29.23 48.70 -11.77
N PHE D 177 -30.15 48.77 -10.83
CA PHE D 177 -30.85 47.60 -10.38
C PHE D 177 -32.18 47.36 -11.07
N ALA D 183 -39.23 49.90 -13.15
CA ALA D 183 -38.52 50.87 -12.34
C ALA D 183 -37.10 50.44 -12.11
N VAL D 184 -36.19 51.35 -12.41
CA VAL D 184 -34.79 51.15 -12.25
C VAL D 184 -34.24 51.99 -11.11
N GLY D 185 -33.67 51.32 -10.14
CA GLY D 185 -32.98 51.98 -9.04
C GLY D 185 -31.55 52.29 -9.42
N THR D 186 -31.20 53.56 -9.33
CA THR D 186 -29.89 54.06 -9.74
C THR D 186 -29.21 54.84 -8.60
N PRO D 187 -28.68 54.14 -7.59
CA PRO D 187 -28.03 54.83 -6.46
C PRO D 187 -26.75 55.58 -6.83
N VAL D 188 -26.57 56.75 -6.23
CA VAL D 188 -25.43 57.63 -6.45
C VAL D 188 -24.44 57.48 -5.30
N PHE D 189 -23.15 57.33 -5.64
CA PHE D 189 -22.09 57.21 -4.64
C PHE D 189 -21.05 58.30 -4.85
N MET D 190 -20.60 58.90 -3.74
CA MET D 190 -19.69 60.04 -3.84
C MET D 190 -18.51 59.96 -2.89
N HIS D 191 -17.35 60.42 -3.36
CA HIS D 191 -16.11 60.34 -2.59
C HIS D 191 -15.38 61.69 -2.50
N CYS D 192 -14.52 61.83 -1.50
CA CYS D 192 -13.76 63.07 -1.33
C CYS D 192 -12.32 62.78 -0.88
N ASN D 193 -11.97 61.50 -0.88
CA ASN D 193 -10.63 61.04 -0.46
C ASN D 193 -10.47 59.59 -0.90
N ASP D 194 -9.48 58.90 -0.34
CA ASP D 194 -9.18 57.51 -0.73
C ASP D 194 -10.28 56.48 -0.42
N ARG D 195 -11.24 56.84 0.42
CA ARG D 195 -12.34 55.92 0.75
C ARG D 195 -13.27 55.80 -0.45
N HIS D 196 -13.55 54.57 -0.88
CA HIS D 196 -14.34 54.35 -2.10
C HIS D 196 -15.49 55.35 -2.21
N HIS D 197 -16.31 55.42 -1.17
CA HIS D 197 -17.29 56.47 -1.05
C HIS D 197 -17.51 56.83 0.40
N SER D 198 -17.83 58.10 0.62
CA SER D 198 -18.16 58.60 1.95
C SER D 198 -19.67 58.74 2.07
N LEU D 199 -20.34 58.83 0.92
CA LEU D 199 -21.75 59.14 0.87
C LEU D 199 -22.46 58.40 -0.27
N ALA D 200 -23.69 57.96 0.00
CA ALA D 200 -24.56 57.41 -1.04
C ALA D 200 -26.02 57.76 -0.79
N PHE D 201 -26.80 57.77 -1.87
CA PHE D 201 -28.23 58.05 -1.78
C PHE D 201 -28.98 57.63 -3.04
N GLY D 202 -30.30 57.75 -2.99
CA GLY D 202 -31.16 57.34 -4.09
C GLY D 202 -31.37 55.84 -4.08
N VAL D 203 -31.61 55.29 -2.88
CA VAL D 203 -31.74 53.84 -2.70
C VAL D 203 -33.18 53.37 -2.44
N GLY D 204 -34.17 54.14 -2.87
CA GLY D 204 -35.57 53.80 -2.66
C GLY D 204 -36.11 54.34 -1.34
N PRO D 205 -37.34 53.96 -0.97
CA PRO D 205 -38.01 54.56 0.19
C PRO D 205 -37.28 54.27 1.50
N MET D 206 -37.09 55.32 2.29
CA MET D 206 -36.46 55.24 3.61
C MET D 206 -37.44 55.83 4.63
N ASP D 207 -37.54 55.20 5.79
CA ASP D 207 -38.38 55.71 6.87
C ASP D 207 -37.59 56.45 7.96
N LYS D 208 -36.28 56.58 7.73
CA LYS D 208 -35.38 57.36 8.58
C LYS D 208 -34.46 58.19 7.68
N ARG D 209 -33.72 59.12 8.27
CA ARG D 209 -32.77 59.93 7.49
C ARG D 209 -31.53 59.15 7.08
N ILE D 210 -31.21 58.10 7.84
CA ILE D 210 -30.03 57.31 7.56
C ILE D 210 -30.38 55.84 7.42
N ASN D 211 -29.79 55.19 6.42
CA ASN D 211 -30.01 53.75 6.26
C ASN D 211 -28.95 52.92 6.98
N HIS D 212 -27.69 53.24 6.72
CA HIS D 212 -26.58 52.55 7.35
C HIS D 212 -25.34 53.40 7.46
N LEU D 213 -24.46 52.98 8.35
CA LEU D 213 -23.14 53.51 8.47
C LEU D 213 -22.18 52.33 8.33
N MET D 214 -21.18 52.46 7.49
CA MET D 214 -20.18 51.44 7.33
C MET D 214 -18.88 51.87 7.99
N ILE D 215 -18.37 50.97 8.78
CA ILE D 215 -17.15 51.13 9.50
C ILE D 215 -16.16 50.06 9.05
N GLU D 216 -14.89 50.42 8.95
CA GLU D 216 -13.89 49.55 8.36
C GLU D 216 -12.76 49.17 9.31
N TYR D 217 -12.54 47.87 9.46
CA TYR D 217 -11.43 47.34 10.23
C TYR D 217 -10.17 47.22 9.38
N THR D 218 -9.02 47.45 9.99
CA THR D 218 -7.76 47.21 9.29
C THR D 218 -7.52 45.70 9.08
N HIS D 219 -7.97 44.89 10.04
CA HIS D 219 -7.65 43.46 10.06
C HIS D 219 -8.88 42.62 9.84
N LEU D 220 -8.78 41.67 8.91
CA LEU D 220 -9.94 40.80 8.62
C LEU D 220 -10.45 40.14 9.89
N ASP D 221 -9.54 39.78 10.79
CA ASP D 221 -9.90 39.07 12.01
C ASP D 221 -10.84 39.82 12.96
N ASP D 222 -10.74 41.15 12.99
CA ASP D 222 -11.68 41.98 13.75
C ASP D 222 -13.11 41.94 13.19
N LEU D 223 -13.24 41.77 11.88
CA LEU D 223 -14.55 41.57 11.28
C LEU D 223 -15.15 40.22 11.67
N GLY D 224 -14.32 39.18 11.62
CA GLY D 224 -14.75 37.83 12.03
C GLY D 224 -15.19 37.81 13.49
N TYR D 225 -14.43 38.51 14.33
CA TYR D 225 -14.74 38.69 15.74
C TYR D 225 -16.09 39.38 15.91
N ALA D 226 -16.29 40.48 15.20
CA ALA D 226 -17.57 41.22 15.26
C ALA D 226 -18.73 40.37 14.73
N HIS D 227 -18.53 39.72 13.59
CA HIS D 227 -19.56 38.88 13.00
C HIS D 227 -20.00 37.75 13.93
N ASP D 228 -19.05 37.03 14.52
CA ASP D 228 -19.34 35.98 15.50
C ASP D 228 -20.21 36.50 16.65
N LEU D 229 -19.81 37.63 17.23
CA LEU D 229 -20.55 38.26 18.32
C LEU D 229 -21.97 38.69 17.95
N VAL D 230 -22.15 39.27 16.76
CA VAL D 230 -23.46 39.65 16.24
C VAL D 230 -24.39 38.43 16.16
N ARG D 231 -23.84 37.32 15.69
CA ARG D 231 -24.58 36.06 15.58
C ARG D 231 -24.85 35.45 16.96
N GLN D 232 -23.85 35.49 17.84
CA GLN D 232 -23.97 34.97 19.21
C GLN D 232 -25.05 35.72 20.00
N GLN D 233 -25.17 37.02 19.75
CA GLN D 233 -26.12 37.86 20.47
C GLN D 233 -27.49 37.95 19.77
N LYS D 234 -27.66 37.18 18.71
CA LYS D 234 -28.91 37.12 17.91
C LYS D 234 -29.39 38.46 17.32
N ILE D 235 -28.44 39.37 17.09
CA ILE D 235 -28.78 40.65 16.46
C ILE D 235 -29.10 40.43 14.99
N ASP D 236 -30.18 41.05 14.51
CA ASP D 236 -30.63 40.91 13.12
C ASP D 236 -29.53 41.24 12.11
N VAL D 237 -29.28 40.29 11.20
CA VAL D 237 -28.44 40.53 10.02
C VAL D 237 -29.37 40.65 8.80
N THR D 238 -29.25 41.74 8.05
CA THR D 238 -30.15 41.97 6.91
C THR D 238 -29.53 41.51 5.60
N LEU D 239 -28.20 41.66 5.50
CA LEU D 239 -27.44 41.11 4.39
C LEU D 239 -26.23 40.38 4.94
N GLN D 240 -26.05 39.14 4.48
CA GLN D 240 -24.95 38.29 4.94
C GLN D 240 -23.63 38.81 4.40
N ILE D 241 -22.54 38.25 4.90
CA ILE D 241 -21.20 38.55 4.41
C ILE D 241 -21.14 38.49 2.88
N GLY D 242 -20.58 39.52 2.27
CA GLY D 242 -20.49 39.60 0.83
C GLY D 242 -19.63 40.75 0.36
N LYS D 243 -19.66 40.97 -0.95
CA LYS D 243 -18.88 42.03 -1.59
C LYS D 243 -19.72 42.75 -2.62
N HIS D 244 -19.81 44.07 -2.46
CA HIS D 244 -20.39 44.91 -3.49
C HIS D 244 -19.36 45.06 -4.61
N SER D 245 -19.83 45.25 -5.83
CA SER D 245 -18.93 45.40 -6.99
C SER D 245 -18.17 46.71 -6.96
N ASN D 246 -18.79 47.74 -6.36
CA ASN D 246 -18.17 49.07 -6.37
C ASN D 246 -16.96 49.20 -5.43
N ASP D 247 -17.15 48.92 -4.14
CA ASP D 247 -16.06 49.08 -3.19
C ASP D 247 -15.21 47.81 -3.02
N GLU D 248 -15.77 46.69 -3.48
CA GLU D 248 -15.14 45.37 -3.33
C GLU D 248 -14.72 45.03 -1.90
N ALA D 249 -15.38 45.66 -0.93
CA ALA D 249 -15.12 45.38 0.48
C ALA D 249 -15.90 44.15 0.94
N LEU D 250 -15.29 43.38 1.83
CA LEU D 250 -15.98 42.28 2.51
C LEU D 250 -16.76 42.86 3.70
N THR D 251 -18.10 42.81 3.63
CA THR D 251 -18.94 43.46 4.65
C THR D 251 -20.22 42.66 4.96
N PHE D 252 -20.82 42.93 6.12
CA PHE D 252 -22.20 42.47 6.41
C PHE D 252 -23.02 43.62 6.96
N TYR D 253 -24.35 43.47 6.97
CA TYR D 253 -25.25 44.52 7.46
C TYR D 253 -26.09 43.99 8.60
N CYS D 254 -25.99 44.63 9.78
CA CYS D 254 -26.72 44.20 10.96
C CYS D 254 -27.41 45.36 11.68
N ALA D 255 -28.46 45.04 12.44
CA ALA D 255 -29.25 46.07 13.14
C ALA D 255 -28.45 46.68 14.28
N ASN D 256 -28.70 47.95 14.54
CA ASN D 256 -28.15 48.64 15.70
C ASN D 256 -29.26 49.05 16.67
N PRO D 257 -28.91 49.41 17.93
CA PRO D 257 -29.96 49.69 18.92
C PRO D 257 -31.01 50.72 18.50
N SER D 258 -30.72 51.50 17.46
CA SER D 258 -31.65 52.53 16.97
C SER D 258 -32.57 52.07 15.83
N GLY D 259 -32.43 50.81 15.43
CA GLY D 259 -33.33 50.24 14.44
C GLY D 259 -32.94 50.47 12.98
N TRP D 260 -31.77 51.06 12.76
CA TRP D 260 -31.17 51.07 11.43
C TRP D 260 -29.91 50.21 11.42
N LEU D 261 -29.02 50.40 10.45
CA LEU D 261 -27.98 49.42 10.20
C LEU D 261 -26.55 49.92 10.35
N TRP D 262 -25.69 49.07 10.89
CA TRP D 262 -24.25 49.26 10.77
C TRP D 262 -23.69 48.16 9.89
N GLU D 263 -22.68 48.51 9.11
CA GLU D 263 -22.07 47.60 8.17
C GLU D 263 -20.57 47.48 8.49
N PRO D 264 -20.21 46.53 9.38
CA PRO D 264 -18.79 46.28 9.64
C PRO D 264 -18.16 45.65 8.41
N GLY D 265 -16.94 46.03 8.10
CA GLY D 265 -16.32 45.57 6.88
C GLY D 265 -14.82 45.63 6.92
N TRP D 266 -14.20 45.18 5.82
CA TRP D 266 -12.76 45.09 5.70
C TRP D 266 -12.38 45.10 4.22
N GLY D 267 -11.22 45.67 3.92
CA GLY D 267 -10.60 45.59 2.61
C GLY D 267 -11.27 46.37 1.50
N SER D 268 -11.82 47.53 1.83
CA SER D 268 -12.39 48.42 0.81
CA SER D 268 -12.38 48.45 0.84
C SER D 268 -11.29 48.98 -0.08
N ARG D 269 -11.61 49.13 -1.36
CA ARG D 269 -10.63 49.69 -2.30
C ARG D 269 -10.87 51.19 -2.50
N PRO D 270 -9.93 51.91 -3.14
CA PRO D 270 -10.20 53.30 -3.45
C PRO D 270 -11.20 53.41 -4.58
N ALA D 271 -11.88 54.56 -4.66
CA ALA D 271 -12.78 54.84 -5.78
C ALA D 271 -11.95 54.87 -7.05
N PRO D 272 -12.47 54.28 -8.15
CA PRO D 272 -11.79 54.35 -9.44
C PRO D 272 -11.61 55.78 -9.90
N ALA D 273 -10.52 56.03 -10.64
CA ALA D 273 -10.20 57.36 -11.14
C ALA D 273 -11.33 57.87 -12.03
N GLN D 274 -11.98 56.92 -12.70
CA GLN D 274 -13.04 57.20 -13.65
C GLN D 274 -14.29 56.40 -13.33
N GLN D 275 -15.44 57.01 -13.58
CA GLN D 275 -16.75 56.47 -13.23
C GLN D 275 -17.04 55.13 -13.92
N GLU D 276 -17.53 54.17 -13.12
CA GLU D 276 -17.96 52.86 -13.58
C GLU D 276 -19.36 52.61 -13.05
N HIS D 277 -20.09 51.66 -13.65
CA HIS D 277 -21.32 51.18 -13.03
C HIS D 277 -21.43 49.67 -13.14
N TYR D 278 -22.29 49.10 -12.30
CA TYR D 278 -22.43 47.65 -12.16
C TYR D 278 -23.91 47.27 -12.16
N LEU D 279 -24.18 45.99 -12.32
CA LEU D 279 -25.54 45.48 -12.38
C LEU D 279 -25.89 44.63 -11.17
N ARG D 280 -24.86 44.17 -10.45
CA ARG D 280 -25.00 43.27 -9.31
C ARG D 280 -23.76 43.26 -8.43
N ASP D 281 -23.90 42.67 -7.24
CA ASP D 281 -22.77 42.44 -6.34
C ASP D 281 -21.90 41.28 -6.84
N ILE D 282 -20.72 41.16 -6.25
CA ILE D 282 -19.77 40.09 -6.60
C ILE D 282 -20.23 38.75 -6.01
N PHE D 283 -20.19 38.64 -4.67
CA PHE D 283 -20.62 37.42 -4.01
C PHE D 283 -21.28 37.72 -2.66
N GLY D 284 -21.93 36.71 -2.09
CA GLY D 284 -22.57 36.83 -0.79
C GLY D 284 -23.64 37.91 -0.75
N HIS D 285 -23.69 38.63 0.36
CA HIS D 285 -24.74 39.64 0.63
C HIS D 285 -26.18 39.10 0.44
N ASP D 286 -26.37 37.81 0.71
CA ASP D 286 -27.70 37.18 0.68
C ASP D 286 -28.64 37.87 1.66
N ASN D 287 -29.87 38.17 1.24
CA ASN D 287 -30.85 38.76 2.13
C ASN D 287 -31.21 37.82 3.26
N GLU D 288 -31.33 38.33 4.47
CA GLU D 288 -31.73 37.51 5.61
C GLU D 288 -32.95 38.11 6.28
N VAL D 289 -32.77 38.97 7.25
CA VAL D 289 -33.89 39.58 7.97
C VAL D 289 -34.28 40.82 7.25
N GLU D 290 -35.45 40.80 6.63
CA GLU D 290 -35.93 41.92 5.83
C GLU D 290 -36.51 43.05 6.70
N GLY D 291 -36.81 44.18 6.06
CA GLY D 291 -37.47 45.29 6.74
C GLY D 291 -36.58 46.40 7.26
N TYR D 292 -35.33 46.44 6.77
CA TYR D 292 -34.39 47.48 7.15
C TYR D 292 -34.03 48.41 5.99
N GLY D 293 -34.81 48.31 4.91
CA GLY D 293 -34.61 49.15 3.73
C GLY D 293 -33.65 48.61 2.69
N LEU D 294 -33.19 47.38 2.87
CA LEU D 294 -32.30 46.74 1.89
C LEU D 294 -32.89 45.41 1.40
N ASP D 295 -34.17 45.46 1.06
CA ASP D 295 -34.92 44.28 0.62
C ASP D 295 -34.89 44.15 -0.90
N ILE D 296 -33.69 44.15 -1.45
CA ILE D 296 -33.46 43.95 -2.89
C ILE D 296 -32.54 42.75 -3.13
N PRO D 297 -32.76 42.01 -4.24
CA PRO D 297 -31.81 40.97 -4.64
C PRO D 297 -30.56 41.59 -5.26
N LEU D 298 -29.48 41.64 -4.49
CA LEU D 298 -28.24 42.29 -4.92
C LEU D 298 -27.42 41.50 -5.94
N LYS D 299 -27.64 40.19 -5.99
CA LYS D 299 -26.96 39.33 -6.96
C LYS D 299 -27.89 38.85 -8.07
N GLY D 300 -29.20 38.88 -7.82
CA GLY D 300 -30.20 38.50 -8.82
C GLY D 300 -31.25 37.56 -8.27
FE FE E . 8.21 -22.05 -7.36
MG MG F . 1.10 -0.75 -12.10
C1 GOL G . 17.89 -34.50 0.58
O1 GOL G . 18.39 -34.04 -0.67
C2 GOL G . 16.44 -34.09 0.69
O2 GOL G . 15.63 -34.86 -0.19
C3 GOL G . 15.98 -34.26 2.13
O3 GOL G . 14.58 -34.20 2.21
C1 GOL H . 11.67 -35.81 0.85
O1 GOL H . 13.03 -35.56 0.63
C2 GOL H . 11.37 -35.73 2.35
O2 GOL H . 11.58 -34.43 2.85
C3 GOL H . 9.93 -36.22 2.60
O3 GOL H . 9.21 -35.32 3.41
FE FE I . 18.59 -50.49 4.37
CA1 MBD J . 22.20 -49.73 2.07
OA1 MBD J . 21.34 -50.18 1.12
CA2 MBD J . 21.91 -49.89 3.51
OA2 MBD J . 20.74 -50.50 3.88
CA3 MBD J . 22.83 -49.41 4.45
CB3 MBD J . 22.58 -49.54 5.92
CA4 MBD J . 24.01 -48.80 4.02
CA5 MBD J . 24.29 -48.66 2.67
CA6 MBD J . 23.40 -49.11 1.70
FE FE K . -7.38 21.88 6.68
FE FE L . -22.30 50.40 2.32
C1 GOL M . -16.73 35.39 8.73
O1 GOL M . -16.90 36.04 9.97
C2 GOL M . -16.25 36.40 7.69
O2 GOL M . -15.10 37.05 8.15
C3 GOL M . -15.97 35.70 6.36
O3 GOL M . -17.14 35.10 5.85
CA1 MBD N . -23.34 49.75 -2.25
OA1 MBD N . -22.16 50.35 -2.19
CA2 MBD N . -24.11 49.65 -1.03
OA2 MBD N . -23.59 50.16 0.06
CA3 MBD N . -25.30 49.03 -1.06
CB3 MBD N . -26.11 48.92 0.16
CA4 MBD N . -25.78 48.49 -2.21
CA5 MBD N . -25.05 48.58 -3.36
CA6 MBD N . -23.83 49.19 -3.39
#